data_6DGU
#
_entry.id   6DGU
#
_cell.length_a   82.370
_cell.length_b   82.580
_cell.length_c   174.920
_cell.angle_alpha   90.000
_cell.angle_beta   90.000
_cell.angle_gamma   90.000
#
_symmetry.space_group_name_H-M   'P 21 21 21'
#
loop_
_entity.id
_entity.type
_entity.pdbx_description
1 polymer Beta-lactamase
2 water water
#
_entity_poly.entity_id   1
_entity_poly.type   'polypeptide(L)'
_entity_poly.pdbx_seq_one_letter_code
;SPLLKEQIETIVTGKKATVGVAVWGPDDLEPLLLNPFEKFPMQSVFKLHLAMLVLHQVDQGKLDLNQSVTVNRAAVLQNT
WSPMMKDHQGDEFTVAVQQLLQYSVSHSDNVACDLLFELVGGPQALHAYIQSLGVKEAAVVANEAQMHADDQVQYQNWTS
MKAAAQVLQKFEQKKQLSETSQALLWKWMVETTTGPQRLKGLLPAGTIVAHKTGTSGVRAGKTAATNDAGVIMLPDGRPL
LVAVFVKDSAESERTNEAIIAQVAQAAYQFELKKLSAVSPD
;
_entity_poly.pdbx_strand_id   B,A,C,D
#
# COMPACT_ATOMS: atom_id res chain seq x y z
N SER A 1 -1.28 -19.94 -12.04
CA SER A 1 -0.93 -20.50 -13.34
C SER A 1 -2.14 -21.16 -14.06
N PRO A 2 -2.48 -20.62 -15.27
CA PRO A 2 -3.67 -21.10 -16.02
C PRO A 2 -3.61 -22.52 -16.62
N LEU A 3 -2.77 -23.40 -16.07
CA LEU A 3 -2.88 -24.82 -16.37
C LEU A 3 -3.45 -25.62 -15.20
N LEU A 4 -3.03 -25.25 -13.97
CA LEU A 4 -3.59 -25.78 -12.70
C LEU A 4 -5.05 -25.38 -12.49
N LYS A 5 -5.39 -24.13 -12.82
CA LYS A 5 -6.72 -23.65 -12.57
C LYS A 5 -7.80 -24.52 -13.25
N GLU A 6 -7.47 -25.16 -14.38
CA GLU A 6 -8.46 -25.97 -15.10
C GLU A 6 -8.91 -27.18 -14.31
N GLN A 7 -7.97 -27.99 -13.80
CA GLN A 7 -8.43 -29.18 -13.10
C GLN A 7 -9.18 -28.87 -11.82
N ILE A 8 -9.05 -27.66 -11.31
CA ILE A 8 -9.82 -27.31 -10.12
C ILE A 8 -11.30 -27.19 -10.47
N GLU A 9 -11.60 -26.58 -11.62
CA GLU A 9 -12.99 -26.38 -11.98
C GLU A 9 -13.66 -27.66 -12.43
N THR A 10 -12.89 -28.67 -12.83
CA THR A 10 -13.50 -29.98 -13.06
C THR A 10 -13.80 -30.70 -11.76
N ILE A 11 -13.06 -30.39 -10.69
CA ILE A 11 -13.35 -30.94 -9.38
C ILE A 11 -14.56 -30.24 -8.76
N VAL A 12 -14.82 -29.00 -9.12
CA VAL A 12 -15.84 -28.22 -8.42
C VAL A 12 -17.08 -27.96 -9.27
N THR A 13 -16.98 -28.00 -10.61
CA THR A 13 -18.17 -27.79 -11.44
C THR A 13 -19.20 -28.88 -11.22
N GLY A 14 -20.45 -28.47 -11.04
CA GLY A 14 -21.51 -29.42 -10.79
C GLY A 14 -21.66 -29.80 -9.33
N LYS A 15 -20.69 -29.48 -8.49
CA LYS A 15 -20.77 -29.78 -7.07
C LYS A 15 -21.58 -28.72 -6.32
N LYS A 16 -22.61 -29.18 -5.59
CA LYS A 16 -23.62 -28.32 -4.97
C LYS A 16 -23.09 -27.64 -3.70
N ALA A 17 -22.19 -26.69 -3.90
CA ALA A 17 -21.53 -26.00 -2.80
C ALA A 17 -20.71 -24.85 -3.35
N THR A 18 -20.38 -23.90 -2.49
CA THR A 18 -19.45 -22.84 -2.83
C THR A 18 -18.07 -23.17 -2.28
N VAL A 19 -17.13 -23.47 -3.18
CA VAL A 19 -15.83 -23.98 -2.79
C VAL A 19 -14.81 -22.89 -3.01
N GLY A 20 -14.24 -22.39 -1.93
CA GLY A 20 -13.15 -21.45 -1.98
C GLY A 20 -11.86 -22.22 -1.80
N VAL A 21 -10.85 -21.82 -2.57
CA VAL A 21 -9.59 -22.54 -2.70
C VAL A 21 -8.48 -21.52 -2.55
N ALA A 22 -7.44 -21.89 -1.81
CA ALA A 22 -6.23 -21.09 -1.77
C ALA A 22 -5.04 -22.03 -1.88
N VAL A 23 -4.15 -21.71 -2.82
CA VAL A 23 -2.87 -22.37 -3.02
C VAL A 23 -1.80 -21.31 -3.17
N TRP A 24 -0.68 -21.48 -2.47
CA TRP A 24 0.45 -20.54 -2.54
C TRP A 24 1.69 -21.42 -2.65
N GLY A 25 2.18 -21.60 -3.88
CA GLY A 25 3.37 -22.39 -4.11
C GLY A 25 4.63 -21.78 -3.52
N PRO A 26 5.76 -22.50 -3.57
CA PRO A 26 7.00 -21.94 -3.02
C PRO A 26 7.72 -20.95 -3.91
N ASP A 27 7.39 -20.90 -5.19
CA ASP A 27 7.98 -19.98 -6.15
C ASP A 27 6.96 -19.05 -6.78
N ASP A 28 5.73 -19.04 -6.26
CA ASP A 28 4.69 -18.13 -6.74
C ASP A 28 4.77 -16.83 -5.96
N LEU A 29 4.47 -15.72 -6.64
CA LEU A 29 4.46 -14.45 -5.93
C LEU A 29 3.13 -14.14 -5.25
N GLU A 30 2.04 -14.75 -5.72
CA GLU A 30 0.70 -14.57 -5.18
C GLU A 30 0.02 -15.96 -5.06
N PRO A 31 -0.94 -16.06 -4.15
CA PRO A 31 -1.72 -17.32 -4.14
C PRO A 31 -2.69 -17.36 -5.31
N LEU A 32 -2.88 -18.56 -5.85
CA LEU A 32 -4.03 -18.80 -6.73
C LEU A 32 -5.28 -19.05 -5.89
N LEU A 33 -6.33 -18.26 -6.16
CA LEU A 33 -7.56 -18.27 -5.39
C LEU A 33 -8.78 -18.55 -6.29
N LEU A 34 -9.73 -19.35 -5.80
CA LEU A 34 -11.04 -19.51 -6.42
C LEU A 34 -12.13 -19.01 -5.49
N ASN A 35 -13.04 -18.19 -6.03
CA ASN A 35 -14.08 -17.48 -5.31
C ASN A 35 -13.54 -16.64 -4.16
N PRO A 36 -12.66 -15.65 -4.42
CA PRO A 36 -12.11 -14.88 -3.31
C PRO A 36 -13.04 -13.77 -2.83
N PHE A 37 -14.15 -13.54 -3.52
CA PHE A 37 -15.11 -12.50 -3.18
C PHE A 37 -16.26 -12.96 -2.32
N GLU A 38 -16.18 -14.15 -1.72
CA GLU A 38 -17.18 -14.57 -0.74
C GLU A 38 -16.57 -14.73 0.66
N LYS A 39 -17.43 -14.74 1.67
CA LYS A 39 -17.04 -14.87 3.07
C LYS A 39 -17.31 -16.31 3.53
N PHE A 40 -16.25 -17.03 3.92
CA PHE A 40 -16.32 -18.45 4.17
C PHE A 40 -16.32 -18.75 5.66
N PRO A 41 -17.36 -19.37 6.20
CA PRO A 41 -17.34 -19.74 7.61
C PRO A 41 -16.14 -20.61 7.94
N MET A 42 -15.51 -20.31 9.07
CA MET A 42 -14.24 -20.95 9.42
C MET A 42 -14.41 -22.23 10.22
N GLN A 43 -15.41 -22.27 11.08
CA GLN A 43 -15.56 -23.31 12.09
C GLN A 43 -14.25 -23.37 12.90
N SER A 44 -13.71 -24.56 13.14
CA SER A 44 -12.54 -24.69 14.00
C SER A 44 -11.25 -24.37 13.28
N VAL A 45 -11.26 -23.79 12.09
CA VAL A 45 -10.00 -23.42 11.45
C VAL A 45 -9.32 -22.30 12.22
N PHE A 46 -10.10 -21.30 12.67
CA PHE A 46 -9.49 -20.17 13.35
C PHE A 46 -8.91 -20.54 14.70
N LYS A 47 -9.07 -21.80 15.12
CA LYS A 47 -8.30 -22.24 16.27
C LYS A 47 -6.81 -22.20 15.97
N LEU A 48 -6.44 -22.23 14.68
CA LEU A 48 -5.07 -21.94 14.24
C LEU A 48 -4.70 -20.48 14.52
N HIS A 49 -5.57 -19.55 14.14
CA HIS A 49 -5.35 -18.13 14.40
C HIS A 49 -5.21 -17.87 15.89
N LEU A 50 -6.19 -18.33 16.67
CA LEU A 50 -6.11 -18.14 18.11
C LEU A 50 -4.79 -18.65 18.66
N ALA A 51 -4.37 -19.85 18.25
CA ALA A 51 -3.10 -20.36 18.76
C ALA A 51 -1.97 -19.38 18.47
N MET A 52 -2.05 -18.66 17.36
CA MET A 52 -1.00 -17.70 17.11
C MET A 52 -1.05 -16.56 18.13
N LEU A 53 -2.22 -15.96 18.34
CA LEU A 53 -2.36 -14.92 19.36
C LEU A 53 -1.93 -15.43 20.74
N VAL A 54 -2.53 -16.51 21.20
CA VAL A 54 -2.20 -16.99 22.54
C VAL A 54 -0.70 -17.21 22.67
N LEU A 55 -0.04 -17.83 21.67
CA LEU A 55 1.41 -18.00 21.78
C LEU A 55 2.18 -16.72 21.50
N HIS A 56 1.57 -15.71 20.90
CA HIS A 56 2.23 -14.43 20.72
C HIS A 56 2.18 -13.62 22.02
N GLN A 57 1.10 -13.76 22.76
CA GLN A 57 1.05 -13.26 24.12
C GLN A 57 1.98 -14.05 25.04
N VAL A 58 2.29 -15.30 24.73
CA VAL A 58 3.32 -16.02 25.49
C VAL A 58 4.71 -15.48 25.15
N ASP A 59 4.94 -15.15 23.88
CA ASP A 59 6.24 -14.66 23.45
C ASP A 59 6.59 -13.34 24.11
N GLN A 60 5.59 -12.49 24.33
CA GLN A 60 5.76 -11.18 24.94
C GLN A 60 5.50 -11.18 26.44
N GLY A 61 5.53 -12.33 27.09
CA GLY A 61 5.41 -12.38 28.52
C GLY A 61 4.06 -11.99 29.07
N LYS A 62 3.07 -11.74 28.21
CA LYS A 62 1.69 -11.56 28.67
C LYS A 62 1.08 -12.85 29.24
N LEU A 63 1.53 -14.02 28.79
CA LEU A 63 1.09 -15.26 29.37
C LEU A 63 2.30 -16.17 29.56
N ASP A 64 2.05 -17.32 30.18
CA ASP A 64 3.13 -18.28 30.42
C ASP A 64 2.62 -19.66 30.01
N LEU A 65 3.47 -20.42 29.30
CA LEU A 65 2.98 -21.65 28.67
C LEU A 65 2.35 -22.58 29.70
N ASN A 66 3.01 -22.78 30.83
CA ASN A 66 2.52 -23.62 31.91
C ASN A 66 1.92 -22.82 33.07
N GLN A 67 1.64 -21.53 32.87
CA GLN A 67 0.66 -20.86 33.71
C GLN A 67 -0.62 -21.71 33.80
N SER A 68 -1.02 -22.08 35.01
CA SER A 68 -2.21 -22.91 35.18
C SER A 68 -3.49 -22.11 35.00
N VAL A 69 -4.53 -22.80 34.53
CA VAL A 69 -5.88 -22.28 34.37
C VAL A 69 -6.81 -23.20 35.16
N THR A 70 -7.68 -22.61 35.97
CA THR A 70 -8.60 -23.43 36.74
C THR A 70 -9.83 -23.76 35.90
N VAL A 71 -10.41 -24.93 36.11
CA VAL A 71 -11.51 -25.44 35.27
C VAL A 71 -12.64 -26.02 36.12
N ASN A 72 -13.79 -25.37 36.08
CA ASN A 72 -15.00 -25.86 36.72
C ASN A 72 -15.84 -26.52 35.62
N ARG A 73 -16.12 -27.81 35.78
CA ARG A 73 -16.90 -28.54 34.77
C ARG A 73 -18.30 -27.95 34.60
N ALA A 74 -18.88 -27.42 35.69
CA ALA A 74 -20.21 -26.81 35.61
C ALA A 74 -20.23 -25.62 34.65
N ALA A 75 -19.26 -24.71 34.78
CA ALA A 75 -19.34 -23.40 34.14
C ALA A 75 -18.86 -23.39 32.69
N VAL A 76 -18.29 -24.50 32.19
CA VAL A 76 -17.94 -24.64 30.78
C VAL A 76 -19.16 -25.04 29.96
N LEU A 77 -19.12 -24.74 28.66
CA LEU A 77 -20.09 -25.26 27.70
C LEU A 77 -19.98 -26.77 27.60
N GLN A 78 -21.11 -27.43 27.25
CA GLN A 78 -21.06 -28.88 26.92
C GLN A 78 -22.16 -29.20 25.91
N ASN A 79 -21.81 -29.16 24.63
CA ASN A 79 -22.57 -29.91 23.64
C ASN A 79 -21.52 -30.70 22.86
N THR A 80 -20.44 -30.01 22.51
CA THR A 80 -19.36 -30.55 21.69
C THR A 80 -18.62 -31.67 22.39
N TRP A 81 -17.92 -32.49 21.61
CA TRP A 81 -16.94 -33.33 22.25
C TRP A 81 -15.84 -32.40 22.73
N SER A 82 -15.19 -32.80 23.74
CA SER A 82 -14.08 -32.01 24.25
C SER A 82 -13.21 -33.09 24.86
N PRO A 83 -12.18 -33.51 24.15
CA PRO A 83 -11.24 -34.48 24.71
C PRO A 83 -10.71 -34.08 26.08
N MET A 84 -10.72 -32.79 26.40
CA MET A 84 -10.38 -32.41 27.77
C MET A 84 -11.35 -33.00 28.78
N MET A 85 -12.64 -32.71 28.61
CA MET A 85 -13.69 -33.13 29.53
C MET A 85 -13.83 -34.64 29.64
N LYS A 86 -13.04 -35.37 28.87
CA LYS A 86 -12.91 -36.82 29.04
C LYS A 86 -11.65 -37.21 29.79
N ASP A 87 -10.56 -36.44 29.64
CA ASP A 87 -9.31 -36.87 30.24
C ASP A 87 -9.27 -36.63 31.74
N HIS A 88 -9.94 -35.59 32.24
CA HIS A 88 -9.87 -35.23 33.65
C HIS A 88 -11.16 -35.55 34.37
N GLN A 89 -11.02 -35.93 35.64
CA GLN A 89 -12.13 -36.38 36.47
C GLN A 89 -12.23 -35.47 37.68
N GLY A 90 -13.40 -35.48 38.29
CA GLY A 90 -13.61 -34.55 39.37
C GLY A 90 -14.24 -33.25 38.87
N ASP A 91 -14.82 -32.54 39.81
CA ASP A 91 -15.60 -31.34 39.54
C ASP A 91 -14.74 -30.15 39.20
N GLU A 92 -13.42 -30.27 39.38
CA GLU A 92 -12.55 -29.14 39.15
C GLU A 92 -11.13 -29.66 38.98
N PHE A 93 -10.43 -29.14 37.97
CA PHE A 93 -9.05 -29.53 37.73
C PHE A 93 -8.35 -28.36 37.06
N THR A 94 -7.03 -28.32 37.20
CA THR A 94 -6.23 -27.24 36.64
C THR A 94 -5.43 -27.75 35.47
N VAL A 95 -5.36 -26.94 34.41
CA VAL A 95 -4.69 -27.29 33.19
C VAL A 95 -3.83 -26.13 32.78
N ALA A 96 -2.58 -26.40 32.40
CA ALA A 96 -1.72 -25.31 32.01
C ALA A 96 -2.18 -24.69 30.70
N VAL A 97 -1.66 -23.50 30.42
CA VAL A 97 -2.01 -22.81 29.18
C VAL A 97 -1.47 -23.57 27.98
N GLN A 98 -0.26 -24.14 28.12
CA GLN A 98 0.27 -25.01 27.08
C GLN A 98 -0.72 -26.12 26.78
N GLN A 99 -1.25 -26.78 27.81
CA GLN A 99 -2.11 -27.92 27.56
C GLN A 99 -3.42 -27.49 26.91
N LEU A 100 -3.95 -26.34 27.28
CA LEU A 100 -5.13 -25.88 26.59
C LEU A 100 -4.82 -25.53 25.16
N LEU A 101 -3.58 -25.18 24.86
CA LEU A 101 -3.20 -24.87 23.48
C LEU A 101 -3.22 -26.12 22.59
N GLN A 102 -2.55 -27.19 23.01
CA GLN A 102 -2.51 -28.41 22.21
C GLN A 102 -3.89 -29.05 22.05
N TYR A 103 -4.68 -29.09 23.13
CA TYR A 103 -6.04 -29.58 23.06
C TYR A 103 -6.83 -28.86 21.99
N SER A 104 -6.64 -27.54 21.90
CA SER A 104 -7.45 -26.70 21.05
C SER A 104 -6.99 -26.75 19.60
N VAL A 105 -5.73 -27.06 19.36
CA VAL A 105 -5.23 -27.13 17.99
C VAL A 105 -5.39 -28.53 17.38
N SER A 106 -4.90 -29.58 18.07
CA SER A 106 -4.97 -30.90 17.46
C SER A 106 -6.37 -31.49 17.56
N HIS A 107 -6.95 -31.45 18.75
CA HIS A 107 -8.22 -32.10 18.98
C HIS A 107 -9.40 -31.17 18.83
N SER A 108 -9.18 -29.96 18.34
CA SER A 108 -10.26 -29.04 18.00
C SER A 108 -11.25 -28.86 19.17
N ASP A 109 -10.71 -28.76 20.38
CA ASP A 109 -11.48 -28.71 21.63
C ASP A 109 -12.16 -27.35 21.77
N ASN A 110 -13.48 -27.32 21.97
CA ASN A 110 -14.17 -26.03 22.06
C ASN A 110 -14.18 -25.44 23.45
N VAL A 111 -14.01 -26.25 24.49
CA VAL A 111 -13.89 -25.68 25.82
C VAL A 111 -12.49 -25.15 26.04
N ALA A 112 -11.48 -25.97 25.75
CA ALA A 112 -10.12 -25.44 25.79
C ALA A 112 -10.03 -24.19 24.94
N CYS A 113 -10.77 -24.16 23.83
CA CYS A 113 -10.76 -23.01 22.94
C CYS A 113 -11.25 -21.75 23.66
N ASP A 114 -12.42 -21.81 24.28
CA ASP A 114 -13.03 -20.61 24.86
C ASP A 114 -12.22 -20.09 26.03
N LEU A 115 -11.62 -20.98 26.82
CA LEU A 115 -10.73 -20.55 27.90
C LEU A 115 -9.55 -19.78 27.32
N LEU A 116 -9.06 -20.23 26.17
CA LEU A 116 -8.02 -19.45 25.50
C LEU A 116 -8.57 -18.09 25.09
N PHE A 117 -9.90 -17.98 24.87
CA PHE A 117 -10.50 -16.69 24.55
C PHE A 117 -10.69 -15.82 25.79
N GLU A 118 -11.00 -16.44 26.93
CA GLU A 118 -11.04 -15.66 28.16
C GLU A 118 -9.64 -15.10 28.45
N LEU A 119 -8.63 -15.97 28.35
CA LEU A 119 -7.27 -15.55 28.69
C LEU A 119 -6.76 -14.42 27.83
N VAL A 120 -7.22 -14.29 26.59
CA VAL A 120 -6.61 -13.29 25.71
C VAL A 120 -7.44 -12.02 25.59
N GLY A 121 -8.67 -12.01 26.09
CA GLY A 121 -9.48 -10.83 25.96
C GLY A 121 -10.59 -10.90 24.94
N GLY A 122 -11.08 -12.10 24.64
CA GLY A 122 -12.30 -12.30 23.88
C GLY A 122 -12.23 -12.18 22.37
N PRO A 123 -13.36 -12.44 21.71
CA PRO A 123 -13.39 -12.48 20.24
C PRO A 123 -12.76 -11.31 19.51
N GLN A 124 -13.05 -10.07 19.91
CA GLN A 124 -12.50 -8.96 19.14
C GLN A 124 -10.98 -8.84 19.34
N ALA A 125 -10.44 -9.39 20.44
CA ALA A 125 -9.00 -9.39 20.60
C ALA A 125 -8.35 -10.20 19.50
N LEU A 126 -8.93 -11.36 19.16
CA LEU A 126 -8.41 -12.13 18.04
C LEU A 126 -8.56 -11.32 16.76
N HIS A 127 -9.78 -10.84 16.51
CA HIS A 127 -10.04 -9.97 15.37
C HIS A 127 -8.92 -8.94 15.20
N ALA A 128 -8.60 -8.19 16.27
CA ALA A 128 -7.52 -7.19 16.16
C ALA A 128 -6.20 -7.84 15.80
N TYR A 129 -5.95 -9.04 16.34
CA TYR A 129 -4.66 -9.67 16.09
C TYR A 129 -4.54 -10.03 14.62
N ILE A 130 -5.69 -10.29 13.96
CA ILE A 130 -5.72 -10.68 12.56
C ILE A 130 -5.49 -9.46 11.66
N GLN A 131 -6.01 -8.31 12.06
CA GLN A 131 -5.64 -7.07 11.39
C GLN A 131 -4.14 -6.83 11.48
N SER A 132 -3.55 -7.30 12.59
CA SER A 132 -2.15 -7.11 12.92
C SER A 132 -1.20 -7.93 12.06
N LEU A 133 -1.66 -9.05 11.49
CA LEU A 133 -0.78 -9.80 10.61
C LEU A 133 -0.77 -9.20 9.21
N GLY A 134 -1.61 -8.22 8.95
CA GLY A 134 -1.79 -7.65 7.64
C GLY A 134 -3.04 -8.14 6.96
N VAL A 135 -3.79 -9.02 7.62
CA VAL A 135 -4.94 -9.70 7.02
C VAL A 135 -6.15 -8.80 7.20
N LYS A 136 -6.69 -8.31 6.09
CA LYS A 136 -7.79 -7.38 6.19
C LYS A 136 -9.10 -8.06 5.93
N GLU A 137 -9.10 -9.10 5.10
CA GLU A 137 -10.32 -9.81 4.74
C GLU A 137 -10.61 -10.96 5.70
N ALA A 138 -10.84 -10.63 6.96
CA ALA A 138 -11.30 -11.62 7.92
C ALA A 138 -12.04 -10.91 9.05
N ALA A 139 -13.00 -11.61 9.64
CA ALA A 139 -13.78 -11.10 10.75
C ALA A 139 -13.91 -12.24 11.74
N VAL A 140 -13.67 -11.97 13.01
CA VAL A 140 -13.86 -12.95 14.09
C VAL A 140 -14.61 -12.25 15.22
N VAL A 141 -15.90 -12.56 15.37
CA VAL A 141 -16.72 -11.85 16.34
C VAL A 141 -17.21 -12.73 17.48
N ALA A 142 -17.12 -14.04 17.40
CA ALA A 142 -17.81 -14.85 18.40
C ALA A 142 -16.97 -16.07 18.79
N ASN A 143 -17.31 -16.62 19.95
CA ASN A 143 -16.62 -17.79 20.48
C ASN A 143 -17.53 -19.03 20.44
N GLU A 144 -16.97 -20.15 20.90
CA GLU A 144 -17.61 -21.43 20.65
C GLU A 144 -18.94 -21.58 21.37
N ALA A 145 -19.11 -20.93 22.51
CA ALA A 145 -20.43 -20.99 23.13
C ALA A 145 -21.44 -20.21 22.31
N GLN A 146 -21.06 -19.03 21.81
CA GLN A 146 -22.01 -18.25 21.02
C GLN A 146 -22.28 -18.92 19.71
N MET A 147 -21.30 -19.68 19.22
CA MET A 147 -21.52 -20.50 18.03
C MET A 147 -22.48 -21.65 18.32
N HIS A 148 -22.35 -22.26 19.49
CA HIS A 148 -23.22 -23.36 19.87
C HIS A 148 -24.61 -22.89 20.26
N ALA A 149 -24.77 -21.62 20.65
CA ALA A 149 -26.08 -21.08 20.95
C ALA A 149 -26.83 -20.67 19.68
N ASP A 150 -26.12 -20.18 18.66
CA ASP A 150 -26.76 -19.77 17.40
C ASP A 150 -25.89 -20.27 16.24
N ASP A 151 -26.47 -21.12 15.38
CA ASP A 151 -25.70 -21.78 14.33
C ASP A 151 -25.47 -20.91 13.09
N GLN A 152 -25.86 -19.63 13.11
CA GLN A 152 -25.54 -18.72 12.01
C GLN A 152 -24.51 -17.67 12.40
N VAL A 153 -24.04 -17.66 13.66
CA VAL A 153 -22.92 -16.79 14.00
C VAL A 153 -21.65 -17.27 13.29
N GLN A 154 -21.57 -18.57 12.99
CA GLN A 154 -20.38 -19.13 12.34
C GLN A 154 -20.02 -18.34 11.10
N TYR A 155 -21.04 -17.93 10.34
CA TYR A 155 -20.87 -17.07 9.17
C TYR A 155 -20.25 -15.73 9.52
N GLN A 156 -20.21 -15.37 10.79
CA GLN A 156 -19.58 -14.12 11.18
C GLN A 156 -18.16 -14.31 11.67
N ASN A 157 -17.78 -15.54 11.98
CA ASN A 157 -16.37 -15.90 12.14
C ASN A 157 -15.83 -16.32 10.77
N TRP A 158 -15.72 -15.35 9.86
CA TRP A 158 -15.39 -15.64 8.48
C TRP A 158 -13.97 -15.24 8.13
N THR A 159 -13.52 -15.75 6.98
CA THR A 159 -12.26 -15.39 6.34
C THR A 159 -12.36 -15.59 4.83
N SER A 160 -11.63 -14.78 4.07
CA SER A 160 -11.50 -14.98 2.63
C SER A 160 -10.34 -15.91 2.31
N MET A 161 -10.27 -16.33 1.05
CA MET A 161 -9.23 -17.24 0.62
C MET A 161 -7.89 -16.54 0.52
N LYS A 162 -7.92 -15.23 0.26
CA LYS A 162 -6.69 -14.46 0.36
C LYS A 162 -6.25 -14.35 1.82
N ALA A 163 -7.22 -14.16 2.73
CA ALA A 163 -6.89 -14.10 4.15
C ALA A 163 -6.38 -15.43 4.68
N ALA A 164 -6.94 -16.54 4.22
CA ALA A 164 -6.40 -17.83 4.64
C ALA A 164 -4.97 -17.95 4.19
N ALA A 165 -4.68 -17.41 3.01
CA ALA A 165 -3.33 -17.49 2.50
C ALA A 165 -2.35 -16.65 3.31
N GLN A 166 -2.81 -15.53 3.88
CA GLN A 166 -1.88 -14.67 4.63
C GLN A 166 -1.54 -15.23 6.00
N VAL A 167 -2.53 -15.79 6.71
CA VAL A 167 -2.25 -16.42 7.99
C VAL A 167 -1.32 -17.62 7.80
N LEU A 168 -1.64 -18.51 6.84
CA LEU A 168 -0.74 -19.63 6.57
C LEU A 168 0.63 -19.14 6.13
N GLN A 169 0.69 -18.00 5.46
CA GLN A 169 1.96 -17.37 5.12
C GLN A 169 2.76 -17.02 6.38
N LYS A 170 2.13 -16.33 7.35
CA LYS A 170 2.87 -15.94 8.54
C LYS A 170 3.16 -17.08 9.49
N PHE A 171 2.53 -18.23 9.34
CA PHE A 171 2.84 -19.37 10.19
C PHE A 171 3.96 -20.24 9.61
N GLU A 172 4.00 -20.40 8.29
CA GLU A 172 5.06 -21.21 7.64
C GLU A 172 6.45 -20.66 7.94
N GLN A 173 6.61 -19.34 7.82
CA GLN A 173 7.93 -18.72 7.77
C GLN A 173 8.56 -18.43 9.11
N LYS A 174 7.88 -18.73 10.22
CA LYS A 174 8.41 -18.59 11.58
C LYS A 174 8.82 -17.14 11.93
N LYS A 175 8.24 -16.14 11.24
CA LYS A 175 8.54 -14.73 11.46
C LYS A 175 7.62 -14.07 12.48
N GLN A 176 6.68 -14.79 13.07
CA GLN A 176 5.74 -14.18 13.99
C GLN A 176 5.74 -14.80 15.38
N LEU A 177 6.56 -15.80 15.62
CA LEU A 177 6.61 -16.44 16.92
C LEU A 177 8.05 -16.82 17.20
N SER A 178 8.34 -17.03 18.48
CA SER A 178 9.65 -17.51 18.86
C SER A 178 9.87 -18.90 18.31
N GLU A 179 11.15 -19.26 18.17
CA GLU A 179 11.51 -20.58 17.66
C GLU A 179 10.82 -21.70 18.45
N THR A 180 10.54 -21.47 19.74
CA THR A 180 9.84 -22.47 20.54
C THR A 180 8.34 -22.41 20.34
N SER A 181 7.72 -21.22 20.28
CA SER A 181 6.30 -21.16 19.96
C SER A 181 6.01 -21.72 18.57
N GLN A 182 6.88 -21.40 17.59
CA GLN A 182 6.68 -21.92 16.25
C GLN A 182 6.78 -23.43 16.26
N ALA A 183 7.84 -23.95 16.88
CA ALA A 183 8.07 -25.39 16.86
C ALA A 183 6.96 -26.12 17.58
N LEU A 184 6.34 -25.49 18.56
CA LEU A 184 5.20 -26.11 19.25
C LEU A 184 3.93 -26.07 18.40
N LEU A 185 3.64 -24.93 17.76
CA LEU A 185 2.42 -24.82 16.96
C LEU A 185 2.43 -25.83 15.80
N TRP A 186 3.51 -25.85 15.03
CA TRP A 186 3.69 -26.89 14.01
C TRP A 186 3.46 -28.25 14.62
N LYS A 187 4.09 -28.53 15.76
CA LYS A 187 3.96 -29.85 16.36
C LYS A 187 2.51 -30.19 16.64
N TRP A 188 1.77 -29.28 17.27
CA TRP A 188 0.37 -29.60 17.50
C TRP A 188 -0.36 -29.64 16.20
N MET A 189 0.06 -28.84 15.23
CA MET A 189 -0.68 -28.81 13.99
C MET A 189 -0.19 -29.79 12.93
N VAL A 190 0.91 -30.51 13.18
CA VAL A 190 1.29 -31.63 12.33
C VAL A 190 0.79 -32.96 12.90
N GLU A 191 0.92 -33.17 14.20
CA GLU A 191 0.53 -34.44 14.81
C GLU A 191 -0.96 -34.56 15.05
N THR A 192 -1.77 -33.63 14.53
CA THR A 192 -3.20 -33.78 14.62
C THR A 192 -3.62 -35.09 13.98
N THR A 193 -4.70 -35.65 14.50
CA THR A 193 -5.31 -36.81 13.89
C THR A 193 -6.56 -36.46 13.12
N THR A 194 -6.99 -35.20 13.17
CA THR A 194 -8.25 -34.78 12.57
C THR A 194 -8.16 -34.71 11.05
N GLY A 195 -9.29 -34.99 10.41
CA GLY A 195 -9.46 -34.85 8.97
C GLY A 195 -8.42 -35.54 8.13
N PRO A 196 -8.19 -36.83 8.34
CA PRO A 196 -7.16 -37.51 7.55
C PRO A 196 -7.50 -37.65 6.09
N GLN A 197 -8.76 -37.58 5.68
CA GLN A 197 -9.14 -37.77 4.29
C GLN A 197 -9.56 -36.47 3.62
N ARG A 198 -8.97 -35.37 4.08
CA ARG A 198 -9.17 -34.04 3.52
C ARG A 198 -7.91 -33.66 2.76
N LEU A 199 -7.07 -32.78 3.30
CA LEU A 199 -5.84 -32.44 2.58
C LEU A 199 -4.94 -33.65 2.37
N LYS A 200 -4.99 -34.64 3.24
CA LYS A 200 -4.12 -35.78 3.07
C LYS A 200 -4.74 -36.90 2.21
N GLY A 201 -6.00 -36.76 1.80
CA GLY A 201 -6.75 -37.88 1.25
C GLY A 201 -6.12 -38.55 0.04
N LEU A 202 -5.42 -37.78 -0.80
CA LEU A 202 -4.82 -38.41 -1.98
C LEU A 202 -3.32 -38.11 -2.11
N LEU A 203 -2.61 -37.86 -0.95
CA LEU A 203 -1.19 -37.63 -0.99
C LEU A 203 -0.38 -38.87 -0.61
N PRO A 204 0.86 -38.95 -1.12
CA PRO A 204 1.74 -40.06 -0.74
C PRO A 204 1.78 -40.26 0.76
N ALA A 205 1.96 -41.53 1.15
CA ALA A 205 2.00 -41.85 2.57
C ALA A 205 3.22 -41.21 3.21
N GLY A 206 3.05 -40.72 4.45
CA GLY A 206 4.08 -40.06 5.22
C GLY A 206 4.35 -38.59 4.92
N THR A 207 3.59 -37.95 4.03
CA THR A 207 3.75 -36.52 3.82
C THR A 207 3.43 -35.76 5.07
N ILE A 208 4.41 -35.01 5.58
CA ILE A 208 4.09 -34.13 6.68
C ILE A 208 3.08 -33.10 6.18
N VAL A 209 1.99 -32.95 6.93
CA VAL A 209 0.96 -31.96 6.64
C VAL A 209 0.61 -31.31 7.96
N ALA A 210 1.01 -30.04 8.12
CA ALA A 210 0.56 -29.19 9.20
C ALA A 210 -0.75 -28.56 8.78
N HIS A 211 -1.83 -28.82 9.53
CA HIS A 211 -3.15 -28.36 9.10
C HIS A 211 -4.09 -28.31 10.30
N LYS A 212 -5.19 -27.57 10.10
CA LYS A 212 -6.26 -27.47 11.09
C LYS A 212 -7.60 -27.66 10.39
N THR A 213 -8.36 -28.66 10.81
CA THR A 213 -9.65 -28.85 10.17
C THR A 213 -10.69 -27.91 10.77
N GLY A 214 -11.81 -27.79 10.06
CA GLY A 214 -12.98 -27.11 10.58
C GLY A 214 -14.22 -27.74 10.00
N THR A 215 -15.22 -28.07 10.82
CA THR A 215 -16.43 -28.70 10.34
C THR A 215 -17.61 -28.17 11.13
N SER A 216 -18.74 -28.02 10.45
CA SER A 216 -20.01 -27.57 11.02
C SER A 216 -20.99 -28.74 11.10
N GLY A 217 -22.17 -28.47 11.72
CA GLY A 217 -23.28 -29.43 11.71
C GLY A 217 -24.01 -29.49 10.36
N VAL A 218 -24.88 -30.49 10.22
CA VAL A 218 -25.69 -30.67 9.02
C VAL A 218 -27.15 -30.38 9.33
N ARG A 219 -27.77 -29.46 8.59
CA ARG A 219 -29.17 -29.14 8.80
C ARG A 219 -29.89 -29.24 7.46
N ALA A 220 -30.94 -30.07 7.43
CA ALA A 220 -31.81 -30.19 6.27
C ALA A 220 -31.05 -30.57 5.00
N GLY A 221 -29.98 -31.35 5.15
CA GLY A 221 -29.16 -31.75 4.03
C GLY A 221 -28.14 -30.74 3.57
N LYS A 222 -27.80 -29.75 4.39
CA LYS A 222 -26.77 -28.81 4.01
C LYS A 222 -25.74 -28.71 5.12
N THR A 223 -24.48 -28.61 4.72
CA THR A 223 -23.35 -28.47 5.63
C THR A 223 -22.75 -27.09 5.38
N ALA A 224 -22.87 -26.21 6.37
CA ALA A 224 -22.39 -24.85 6.22
C ALA A 224 -20.90 -24.82 5.90
N ALA A 225 -20.10 -25.65 6.58
CA ALA A 225 -18.65 -25.54 6.45
C ALA A 225 -17.96 -26.88 6.63
N THR A 226 -17.11 -27.23 5.66
CA THR A 226 -16.25 -28.42 5.71
C THR A 226 -14.89 -27.98 5.19
N ASN A 227 -13.97 -27.63 6.09
CA ASN A 227 -12.74 -26.93 5.77
C ASN A 227 -11.53 -27.68 6.29
N ASP A 228 -10.44 -27.59 5.53
CA ASP A 228 -9.14 -28.01 6.03
C ASP A 228 -8.11 -27.08 5.44
N ALA A 229 -7.37 -26.38 6.32
CA ALA A 229 -6.31 -25.46 5.89
C ALA A 229 -4.99 -25.86 6.54
N GLY A 230 -3.90 -25.78 5.78
CA GLY A 230 -2.60 -26.15 6.35
C GLY A 230 -1.45 -25.90 5.40
N VAL A 231 -0.28 -26.45 5.78
CA VAL A 231 0.95 -26.31 5.00
C VAL A 231 1.54 -27.69 4.72
N ILE A 232 1.81 -27.98 3.44
CA ILE A 232 2.21 -29.32 2.99
C ILE A 232 3.67 -29.30 2.56
N MET A 233 4.47 -30.19 3.14
CA MET A 233 5.89 -30.23 2.83
C MET A 233 6.11 -31.01 1.55
N LEU A 234 6.74 -30.36 0.59
CA LEU A 234 7.02 -30.93 -0.72
C LEU A 234 8.16 -31.92 -0.52
N PRO A 235 8.58 -32.68 -1.54
CA PRO A 235 9.73 -33.58 -1.34
C PRO A 235 11.01 -32.88 -0.96
N ASP A 236 11.22 -31.66 -1.42
CA ASP A 236 12.41 -30.87 -1.10
C ASP A 236 12.25 -29.98 0.15
N GLY A 237 11.35 -30.30 1.07
CA GLY A 237 11.26 -29.51 2.29
C GLY A 237 10.89 -28.04 2.12
N ARG A 238 10.27 -27.70 1.00
CA ARG A 238 9.78 -26.37 0.73
C ARG A 238 8.31 -26.33 1.07
N PRO A 239 7.72 -25.16 1.26
CA PRO A 239 6.31 -25.12 1.69
C PRO A 239 5.32 -24.97 0.56
N LEU A 240 4.15 -25.58 0.75
CA LEU A 240 3.01 -25.40 -0.13
C LEU A 240 1.76 -25.18 0.72
N LEU A 241 1.20 -23.97 0.66
CA LEU A 241 0.06 -23.54 1.48
C LEU A 241 -1.23 -23.85 0.73
N VAL A 242 -2.05 -24.78 1.24
CA VAL A 242 -3.29 -25.14 0.59
C VAL A 242 -4.42 -25.01 1.60
N ALA A 243 -5.50 -24.36 1.20
CA ALA A 243 -6.69 -24.29 2.01
C ALA A 243 -7.90 -24.48 1.09
N VAL A 244 -8.88 -25.24 1.56
CA VAL A 244 -10.10 -25.51 0.83
C VAL A 244 -11.26 -25.33 1.78
N PHE A 245 -12.22 -24.48 1.42
CA PHE A 245 -13.34 -24.19 2.30
C PHE A 245 -14.59 -24.45 1.47
N VAL A 246 -15.34 -25.47 1.84
CA VAL A 246 -16.55 -25.84 1.12
C VAL A 246 -17.73 -25.25 1.86
N LYS A 247 -18.41 -24.29 1.24
CA LYS A 247 -19.43 -23.53 1.94
C LYS A 247 -20.81 -24.00 1.51
N ASP A 248 -21.69 -24.17 2.50
CA ASP A 248 -23.13 -24.42 2.28
C ASP A 248 -23.37 -25.49 1.21
N SER A 249 -23.03 -26.73 1.57
CA SER A 249 -23.03 -27.86 0.64
C SER A 249 -24.26 -28.75 0.76
N ALA A 250 -24.87 -29.03 -0.38
CA ALA A 250 -25.91 -30.06 -0.46
C ALA A 250 -25.33 -31.43 -0.86
N GLU A 251 -24.04 -31.66 -0.63
CA GLU A 251 -23.37 -32.90 -0.96
C GLU A 251 -23.05 -33.69 0.31
N SER A 252 -22.62 -34.93 0.12
CA SER A 252 -22.24 -35.83 1.19
C SER A 252 -20.95 -35.37 1.87
N GLU A 253 -20.62 -36.04 2.99
CA GLU A 253 -19.30 -35.87 3.60
C GLU A 253 -18.19 -36.42 2.71
N ARG A 254 -18.40 -37.57 2.07
CA ARG A 254 -17.40 -38.05 1.11
C ARG A 254 -17.15 -37.03 0.02
N THR A 255 -18.23 -36.52 -0.58
CA THR A 255 -18.05 -35.55 -1.66
C THR A 255 -17.31 -34.32 -1.15
N ASN A 256 -17.73 -33.81 0.03
CA ASN A 256 -17.15 -32.62 0.61
C ASN A 256 -15.66 -32.78 0.92
N GLU A 257 -15.29 -33.87 1.60
CA GLU A 257 -13.88 -34.09 1.86
C GLU A 257 -13.07 -34.51 0.63
N ALA A 258 -13.72 -35.09 -0.38
CA ALA A 258 -12.96 -35.48 -1.55
C ALA A 258 -12.54 -34.25 -2.33
N ILE A 259 -13.43 -33.26 -2.44
CA ILE A 259 -13.07 -32.02 -3.10
C ILE A 259 -11.80 -31.46 -2.48
N ILE A 260 -11.76 -31.43 -1.14
CA ILE A 260 -10.57 -30.94 -0.47
C ILE A 260 -9.36 -31.76 -0.88
N ALA A 261 -9.49 -33.08 -0.86
CA ALA A 261 -8.35 -33.92 -1.18
C ALA A 261 -7.92 -33.76 -2.63
N GLN A 262 -8.88 -33.80 -3.55
CA GLN A 262 -8.52 -33.65 -4.97
C GLN A 262 -7.84 -32.33 -5.21
N VAL A 263 -8.32 -31.25 -4.57
CA VAL A 263 -7.69 -29.95 -4.79
C VAL A 263 -6.26 -29.97 -4.29
N ALA A 264 -6.05 -30.50 -3.09
CA ALA A 264 -4.71 -30.65 -2.54
C ALA A 264 -3.84 -31.53 -3.43
N GLN A 265 -4.40 -32.64 -3.92
CA GLN A 265 -3.62 -33.55 -4.76
C GLN A 265 -3.26 -32.90 -6.08
N ALA A 266 -4.15 -32.08 -6.64
CA ALA A 266 -3.78 -31.40 -7.87
C ALA A 266 -2.65 -30.43 -7.61
N ALA A 267 -2.76 -29.64 -6.52
CA ALA A 267 -1.72 -28.68 -6.14
C ALA A 267 -0.43 -29.39 -5.75
N TYR A 268 -0.52 -30.44 -4.93
CA TYR A 268 0.67 -31.21 -4.61
C TYR A 268 1.38 -31.71 -5.87
N GLN A 269 0.64 -32.32 -6.80
CA GLN A 269 1.27 -32.86 -8.00
C GLN A 269 1.86 -31.76 -8.86
N PHE A 270 1.07 -30.73 -9.17
CA PHE A 270 1.53 -29.64 -10.02
C PHE A 270 2.91 -29.13 -9.57
N GLU A 271 3.06 -28.88 -8.27
CA GLU A 271 4.33 -28.39 -7.73
C GLU A 271 5.46 -29.37 -8.05
N LEU A 272 5.13 -30.66 -8.18
CA LEU A 272 6.09 -31.74 -8.49
C LEU A 272 6.56 -31.76 -9.95
N LYS A 273 5.80 -31.15 -10.87
CA LYS A 273 6.17 -30.99 -12.27
C LYS A 273 6.42 -29.51 -12.63
N LYS A 274 6.65 -28.66 -11.62
CA LYS A 274 6.81 -27.22 -11.84
C LYS A 274 8.27 -26.77 -11.83
N LEU A 275 9.22 -27.69 -11.62
CA LEU A 275 10.60 -27.22 -11.76
C LEU A 275 11.01 -27.16 -13.23
N SER A 276 10.21 -27.77 -14.10
CA SER A 276 10.22 -27.50 -15.54
C SER A 276 10.07 -26.00 -15.80
N ALA A 277 8.88 -25.45 -15.56
CA ALA A 277 8.58 -24.07 -15.97
C ALA A 277 8.82 -23.08 -14.84
N SER B 1 -7.31 -11.76 -14.21
CA SER B 1 -6.02 -11.26 -14.70
C SER B 1 -5.37 -10.40 -13.66
N PRO B 2 -4.37 -10.91 -13.02
CA PRO B 2 -3.48 -10.04 -12.25
C PRO B 2 -2.77 -8.92 -13.02
N LEU B 3 -2.99 -8.67 -14.33
CA LEU B 3 -2.20 -7.54 -14.80
C LEU B 3 -3.03 -6.28 -14.60
N LEU B 4 -4.32 -6.37 -15.00
CA LEU B 4 -5.31 -5.37 -14.71
C LEU B 4 -5.48 -5.23 -13.22
N LYS B 5 -5.52 -6.35 -12.50
CA LYS B 5 -5.66 -6.26 -11.05
C LYS B 5 -4.53 -5.43 -10.48
N GLU B 6 -3.32 -5.59 -11.01
CA GLU B 6 -2.19 -4.82 -10.51
C GLU B 6 -2.35 -3.35 -10.84
N GLN B 7 -2.56 -3.02 -12.13
CA GLN B 7 -2.56 -1.60 -12.48
C GLN B 7 -3.75 -0.85 -11.88
N ILE B 8 -4.72 -1.55 -11.31
CA ILE B 8 -5.78 -0.90 -10.52
C ILE B 8 -5.24 -0.42 -9.17
N GLU B 9 -4.42 -1.26 -8.53
CA GLU B 9 -3.87 -0.95 -7.21
C GLU B 9 -2.78 0.10 -7.26
N THR B 10 -2.23 0.39 -8.43
CA THR B 10 -1.40 1.56 -8.60
C THR B 10 -2.27 2.82 -8.67
N ILE B 11 -3.55 2.68 -9.03
CA ILE B 11 -4.45 3.83 -9.03
C ILE B 11 -4.93 4.21 -7.64
N VAL B 12 -5.04 3.25 -6.72
CA VAL B 12 -5.70 3.52 -5.46
C VAL B 12 -4.75 3.54 -4.25
N THR B 13 -3.59 2.88 -4.32
CA THR B 13 -2.69 2.87 -3.17
C THR B 13 -2.24 4.29 -2.84
N GLY B 14 -2.30 4.61 -1.56
CA GLY B 14 -1.88 5.90 -1.06
C GLY B 14 -2.92 7.00 -1.11
N LYS B 15 -4.00 6.82 -1.86
CA LYS B 15 -5.01 7.84 -1.87
C LYS B 15 -5.83 7.69 -0.60
N LYS B 16 -5.95 8.76 0.17
CA LYS B 16 -6.54 8.64 1.49
C LYS B 16 -8.05 8.38 1.38
N ALA B 17 -8.42 7.16 1.00
CA ALA B 17 -9.79 6.78 0.71
C ALA B 17 -9.86 5.26 0.59
N THR B 18 -11.08 4.74 0.76
CA THR B 18 -11.38 3.34 0.47
C THR B 18 -12.04 3.27 -0.90
N VAL B 19 -11.37 2.67 -1.87
CA VAL B 19 -11.86 2.68 -3.25
C VAL B 19 -12.39 1.29 -3.56
N GLY B 20 -13.69 1.22 -3.81
CA GLY B 20 -14.32 -0.02 -4.22
C GLY B 20 -14.48 -0.03 -5.73
N VAL B 21 -14.17 -1.18 -6.32
CA VAL B 21 -14.10 -1.40 -7.75
C VAL B 21 -14.84 -2.67 -8.13
N ALA B 22 -15.57 -2.61 -9.23
CA ALA B 22 -16.12 -3.81 -9.83
C ALA B 22 -15.92 -3.70 -11.34
N VAL B 23 -15.42 -4.77 -11.95
CA VAL B 23 -15.38 -4.88 -13.40
C VAL B 23 -15.97 -6.22 -13.81
N TRP B 24 -16.89 -6.18 -14.76
CA TRP B 24 -17.50 -7.40 -15.27
C TRP B 24 -17.48 -7.23 -16.78
N GLY B 25 -16.44 -7.77 -17.43
CA GLY B 25 -16.33 -7.77 -18.85
C GLY B 25 -17.33 -8.72 -19.54
N PRO B 26 -17.33 -8.70 -20.88
CA PRO B 26 -18.11 -9.68 -21.65
C PRO B 26 -17.47 -11.06 -21.74
N ASP B 27 -16.21 -11.22 -21.36
CA ASP B 27 -15.54 -12.53 -21.41
C ASP B 27 -15.19 -13.05 -20.01
N ASP B 28 -15.70 -12.40 -18.97
CA ASP B 28 -15.52 -12.83 -17.58
C ASP B 28 -16.73 -13.60 -17.05
N LEU B 29 -16.48 -14.59 -16.23
CA LEU B 29 -17.63 -15.27 -15.65
C LEU B 29 -18.13 -14.54 -14.40
N GLU B 30 -17.25 -13.84 -13.70
CA GLU B 30 -17.56 -13.11 -12.47
C GLU B 30 -16.87 -11.78 -12.48
N PRO B 31 -17.40 -10.76 -11.76
CA PRO B 31 -16.73 -9.48 -11.72
C PRO B 31 -15.37 -9.61 -11.06
N LEU B 32 -14.42 -8.83 -11.56
CA LEU B 32 -13.20 -8.54 -10.82
C LEU B 32 -13.52 -7.47 -9.77
N LEU B 33 -13.19 -7.72 -8.51
CA LEU B 33 -13.55 -6.79 -7.44
C LEU B 33 -12.34 -6.27 -6.66
N LEU B 34 -12.42 -5.02 -6.26
CA LEU B 34 -11.49 -4.45 -5.29
C LEU B 34 -12.29 -4.04 -4.06
N ASN B 35 -11.85 -4.46 -2.88
CA ASN B 35 -12.64 -4.24 -1.67
C ASN B 35 -13.99 -4.92 -1.79
N PRO B 36 -14.04 -6.25 -1.79
CA PRO B 36 -15.32 -6.95 -1.91
C PRO B 36 -16.08 -7.16 -0.61
N PHE B 37 -15.44 -6.94 0.53
CA PHE B 37 -16.00 -7.13 1.86
C PHE B 37 -16.43 -5.84 2.56
N GLU B 38 -16.44 -4.71 1.87
CA GLU B 38 -16.72 -3.44 2.53
C GLU B 38 -18.10 -2.96 2.11
N LYS B 39 -18.75 -2.24 3.00
CA LYS B 39 -20.12 -1.80 2.81
C LYS B 39 -20.09 -0.37 2.31
N PHE B 40 -20.52 -0.17 1.06
CA PHE B 40 -20.25 1.08 0.34
C PHE B 40 -21.48 1.97 0.29
N PRO B 41 -21.40 3.19 0.83
CA PRO B 41 -22.53 4.12 0.75
C PRO B 41 -22.90 4.42 -0.71
N MET B 42 -24.20 4.32 -1.00
CA MET B 42 -24.65 4.40 -2.39
C MET B 42 -24.92 5.82 -2.88
N GLN B 43 -25.37 6.73 -2.01
CA GLN B 43 -25.83 8.07 -2.40
C GLN B 43 -26.76 7.88 -3.58
N SER B 44 -26.68 8.67 -4.64
CA SER B 44 -27.72 8.64 -5.66
C SER B 44 -27.60 7.45 -6.62
N VAL B 45 -26.71 6.48 -6.35
CA VAL B 45 -26.64 5.31 -7.22
C VAL B 45 -27.93 4.51 -7.15
N PHE B 46 -28.52 4.42 -5.95
CA PHE B 46 -29.72 3.60 -5.81
C PHE B 46 -30.93 4.18 -6.54
N LYS B 47 -30.85 5.36 -7.17
CA LYS B 47 -31.97 5.72 -8.02
C LYS B 47 -32.06 4.81 -9.23
N LEU B 48 -30.97 4.12 -9.58
CA LEU B 48 -31.07 3.08 -10.60
C LEU B 48 -31.96 1.94 -10.11
N HIS B 49 -31.69 1.43 -8.91
CA HIS B 49 -32.49 0.34 -8.35
C HIS B 49 -33.97 0.74 -8.23
N LEU B 50 -34.23 1.90 -7.62
CA LEU B 50 -35.60 2.41 -7.56
C LEU B 50 -36.21 2.53 -8.96
N ALA B 51 -35.47 3.09 -9.90
CA ALA B 51 -36.02 3.23 -11.26
C ALA B 51 -36.38 1.86 -11.86
N MET B 52 -35.55 0.86 -11.63
CA MET B 52 -35.87 -0.49 -12.13
C MET B 52 -37.09 -1.04 -11.43
N LEU B 53 -37.14 -0.93 -10.09
CA LEU B 53 -38.34 -1.34 -9.37
C LEU B 53 -39.57 -0.66 -9.96
N VAL B 54 -39.54 0.67 -10.00
CA VAL B 54 -40.67 1.44 -10.50
C VAL B 54 -41.11 0.92 -11.86
N LEU B 55 -40.17 0.76 -12.77
CA LEU B 55 -40.60 0.33 -14.10
C LEU B 55 -40.99 -1.15 -14.15
N HIS B 56 -40.64 -1.93 -13.12
CA HIS B 56 -41.18 -3.28 -12.98
C HIS B 56 -42.57 -3.24 -12.36
N GLN B 57 -42.85 -2.26 -11.51
CA GLN B 57 -44.25 -2.04 -11.17
C GLN B 57 -45.03 -1.57 -12.39
N VAL B 58 -44.39 -0.81 -13.29
CA VAL B 58 -45.05 -0.37 -14.52
C VAL B 58 -45.20 -1.52 -15.52
N ASP B 59 -44.19 -2.40 -15.59
CA ASP B 59 -44.23 -3.49 -16.57
C ASP B 59 -45.43 -4.41 -16.36
N GLN B 60 -45.82 -4.65 -15.11
CA GLN B 60 -47.05 -5.42 -14.88
C GLN B 60 -48.25 -4.52 -14.47
N GLY B 61 -48.20 -3.24 -14.83
CA GLY B 61 -49.38 -2.40 -14.76
C GLY B 61 -49.84 -2.00 -13.38
N LYS B 62 -49.11 -2.29 -12.31
CA LYS B 62 -49.50 -1.66 -11.05
C LYS B 62 -49.35 -0.14 -11.16
N LEU B 63 -48.43 0.32 -12.02
CA LEU B 63 -48.24 1.73 -12.33
C LEU B 63 -48.19 1.93 -13.84
N ASP B 64 -48.30 3.19 -14.26
CA ASP B 64 -48.35 3.51 -15.67
C ASP B 64 -47.55 4.78 -15.92
N LEU B 65 -46.81 4.80 -17.02
CA LEU B 65 -45.91 5.92 -17.28
C LEU B 65 -46.65 7.25 -17.27
N ASN B 66 -47.86 7.27 -17.84
CA ASN B 66 -48.64 8.49 -17.95
C ASN B 66 -49.49 8.78 -16.73
N GLN B 67 -49.44 7.94 -15.70
CA GLN B 67 -50.06 8.29 -14.43
C GLN B 67 -49.57 9.63 -13.90
N SER B 68 -50.51 10.53 -13.63
CA SER B 68 -50.15 11.83 -13.04
C SER B 68 -49.95 11.70 -11.53
N VAL B 69 -49.00 12.47 -11.02
CA VAL B 69 -48.74 12.59 -9.60
C VAL B 69 -48.73 14.06 -9.24
N THR B 70 -49.38 14.40 -8.14
CA THR B 70 -49.45 15.77 -7.65
C THR B 70 -48.18 16.09 -6.88
N VAL B 71 -47.81 17.36 -6.87
CA VAL B 71 -46.56 17.83 -6.26
C VAL B 71 -46.89 19.00 -5.36
N ASN B 72 -46.65 18.85 -4.06
CA ASN B 72 -46.86 19.95 -3.13
C ASN B 72 -45.50 20.56 -2.78
N ARG B 73 -45.30 21.80 -3.19
CA ARG B 73 -44.03 22.49 -2.93
C ARG B 73 -43.83 22.80 -1.44
N ALA B 74 -44.91 23.09 -0.71
CA ALA B 74 -44.78 23.30 0.72
C ALA B 74 -44.30 22.03 1.43
N ALA B 75 -44.90 20.88 1.11
CA ALA B 75 -44.79 19.66 1.90
C ALA B 75 -43.66 18.70 1.49
N VAL B 76 -42.98 18.93 0.36
CA VAL B 76 -41.81 18.11 0.05
C VAL B 76 -40.62 18.66 0.82
N LEU B 77 -39.65 17.80 1.12
CA LEU B 77 -38.40 18.27 1.69
C LEU B 77 -37.71 19.20 0.70
N GLN B 78 -37.06 20.25 1.20
CA GLN B 78 -36.27 21.05 0.25
C GLN B 78 -35.13 21.76 0.98
N ASN B 79 -33.92 21.16 0.90
CA ASN B 79 -32.67 21.93 0.87
C ASN B 79 -31.76 21.27 -0.16
N THR B 80 -32.32 20.30 -0.92
CA THR B 80 -31.75 19.37 -1.89
C THR B 80 -31.14 19.91 -3.20
N TRP B 81 -31.28 19.14 -4.27
CA TRP B 81 -30.86 19.55 -5.61
C TRP B 81 -32.01 19.74 -6.57
N SER B 82 -33.02 18.91 -6.46
CA SER B 82 -34.25 18.90 -7.25
C SER B 82 -34.42 19.89 -8.39
N PRO B 83 -33.87 19.63 -9.58
CA PRO B 83 -34.20 20.49 -10.72
C PRO B 83 -35.69 20.65 -10.99
N MET B 84 -36.53 19.68 -10.58
CA MET B 84 -37.99 19.80 -10.77
C MET B 84 -38.54 21.07 -10.10
N MET B 85 -38.26 21.25 -8.81
CA MET B 85 -38.83 22.37 -8.07
C MET B 85 -38.27 23.74 -8.51
N LYS B 86 -37.37 23.77 -9.50
CA LYS B 86 -36.95 25.05 -10.07
C LYS B 86 -37.55 25.29 -11.46
N ASP B 87 -37.79 24.24 -12.25
CA ASP B 87 -38.42 24.43 -13.57
C ASP B 87 -39.91 24.71 -13.45
N HIS B 88 -40.67 23.72 -12.97
CA HIS B 88 -42.10 23.87 -12.82
C HIS B 88 -42.44 25.04 -11.89
N GLN B 89 -43.62 25.61 -12.12
CA GLN B 89 -44.09 26.81 -11.47
C GLN B 89 -45.37 26.51 -10.68
N GLY B 90 -45.68 27.42 -9.77
CA GLY B 90 -46.88 27.26 -8.98
C GLY B 90 -46.63 26.47 -7.70
N ASP B 91 -47.56 26.62 -6.76
CA ASP B 91 -47.48 25.93 -5.49
C ASP B 91 -47.97 24.48 -5.58
N GLU B 92 -48.52 24.08 -6.72
CA GLU B 92 -48.97 22.70 -6.90
C GLU B 92 -49.09 22.40 -8.38
N PHE B 93 -48.58 21.24 -8.78
CA PHE B 93 -48.65 20.84 -10.18
C PHE B 93 -48.65 19.32 -10.31
N THR B 94 -49.02 18.86 -11.51
CA THR B 94 -49.06 17.44 -11.82
C THR B 94 -47.90 17.11 -12.76
N VAL B 95 -47.28 15.95 -12.54
CA VAL B 95 -46.12 15.45 -13.28
C VAL B 95 -46.37 13.98 -13.62
N ALA B 96 -46.00 13.58 -14.82
CA ALA B 96 -46.15 12.16 -15.09
C ALA B 96 -45.17 11.36 -14.23
N VAL B 97 -45.41 10.06 -14.13
CA VAL B 97 -44.44 9.20 -13.47
C VAL B 97 -43.18 9.11 -14.29
N GLN B 98 -43.32 9.05 -15.61
CA GLN B 98 -42.16 9.07 -16.49
C GLN B 98 -41.26 10.25 -16.17
N GLN B 99 -41.84 11.45 -16.06
CA GLN B 99 -41.01 12.64 -15.79
C GLN B 99 -40.39 12.60 -14.40
N LEU B 100 -41.02 11.91 -13.45
CA LEU B 100 -40.34 11.75 -12.17
C LEU B 100 -39.16 10.79 -12.29
N LEU B 101 -39.22 9.88 -13.25
CA LEU B 101 -38.11 8.97 -13.48
C LEU B 101 -36.93 9.67 -14.16
N GLN B 102 -37.21 10.47 -15.20
CA GLN B 102 -36.13 11.20 -15.87
C GLN B 102 -35.44 12.17 -14.91
N TYR B 103 -36.23 12.91 -14.13
CA TYR B 103 -35.67 13.78 -13.10
C TYR B 103 -34.81 12.99 -12.12
N SER B 104 -35.27 11.82 -11.70
CA SER B 104 -34.56 11.11 -10.66
C SER B 104 -33.36 10.34 -11.18
N VAL B 105 -33.39 9.86 -12.42
CA VAL B 105 -32.27 9.10 -12.97
C VAL B 105 -31.24 10.02 -13.60
N SER B 106 -31.70 10.95 -14.42
CA SER B 106 -30.76 11.76 -15.16
C SER B 106 -30.16 12.86 -14.29
N HIS B 107 -31.01 13.66 -13.62
CA HIS B 107 -30.54 14.85 -12.92
C HIS B 107 -30.41 14.66 -11.40
N SER B 108 -30.51 13.44 -10.90
CA SER B 108 -30.28 13.14 -9.49
C SER B 108 -31.25 13.90 -8.57
N ASP B 109 -32.53 13.92 -8.93
CA ASP B 109 -33.53 14.68 -8.20
C ASP B 109 -33.92 13.99 -6.90
N ASN B 110 -33.86 14.73 -5.78
CA ASN B 110 -34.23 14.20 -4.47
C ASN B 110 -35.71 14.32 -4.16
N VAL B 111 -36.44 15.17 -4.88
CA VAL B 111 -37.88 15.19 -4.70
C VAL B 111 -38.51 14.05 -5.48
N ALA B 112 -38.23 13.97 -6.78
CA ALA B 112 -38.72 12.88 -7.63
C ALA B 112 -38.32 11.52 -7.09
N CYS B 113 -37.12 11.40 -6.54
CA CYS B 113 -36.71 10.15 -5.91
C CYS B 113 -37.65 9.78 -4.79
N ASP B 114 -37.90 10.72 -3.85
CA ASP B 114 -38.76 10.41 -2.73
C ASP B 114 -40.21 10.20 -3.16
N LEU B 115 -40.64 10.88 -4.23
CA LEU B 115 -41.96 10.64 -4.80
C LEU B 115 -42.08 9.23 -5.37
N LEU B 116 -41.03 8.73 -6.01
CA LEU B 116 -41.01 7.33 -6.42
C LEU B 116 -41.03 6.37 -5.23
N PHE B 117 -40.61 6.80 -4.05
CA PHE B 117 -40.61 5.90 -2.88
C PHE B 117 -42.02 5.65 -2.33
N GLU B 118 -42.86 6.69 -2.29
CA GLU B 118 -44.24 6.54 -1.81
C GLU B 118 -45.05 5.61 -2.72
N LEU B 119 -45.00 5.84 -4.02
CA LEU B 119 -45.77 5.03 -4.95
C LEU B 119 -45.38 3.56 -4.86
N VAL B 120 -44.18 3.27 -4.39
CA VAL B 120 -43.75 1.87 -4.32
C VAL B 120 -43.78 1.36 -2.89
N GLY B 121 -44.01 2.23 -1.92
CA GLY B 121 -44.12 1.83 -0.53
C GLY B 121 -42.90 2.09 0.32
N GLY B 122 -42.05 3.06 -0.04
CA GLY B 122 -40.95 3.46 0.79
C GLY B 122 -39.71 2.58 0.65
N PRO B 123 -38.67 2.94 1.40
CA PRO B 123 -37.35 2.27 1.25
C PRO B 123 -37.36 0.75 1.30
N GLN B 124 -38.17 0.18 2.18
CA GLN B 124 -38.14 -1.25 2.40
C GLN B 124 -38.67 -2.03 1.20
N ALA B 125 -39.50 -1.39 0.36
CA ALA B 125 -39.96 -2.02 -0.87
C ALA B 125 -38.81 -2.25 -1.83
N LEU B 126 -37.94 -1.25 -1.95
CA LEU B 126 -36.74 -1.35 -2.78
C LEU B 126 -35.82 -2.45 -2.26
N HIS B 127 -35.51 -2.39 -0.96
CA HIS B 127 -34.74 -3.44 -0.30
C HIS B 127 -35.27 -4.82 -0.67
N ALA B 128 -36.56 -5.03 -0.42
CA ALA B 128 -37.16 -6.32 -0.73
C ALA B 128 -37.02 -6.64 -2.21
N TYR B 129 -37.07 -5.62 -3.06
CA TYR B 129 -36.95 -5.82 -4.49
C TYR B 129 -35.54 -6.16 -4.92
N ILE B 130 -34.53 -5.79 -4.14
CA ILE B 130 -33.15 -6.06 -4.54
C ILE B 130 -32.80 -7.53 -4.32
N GLN B 131 -33.23 -8.10 -3.19
CA GLN B 131 -33.06 -9.54 -3.02
C GLN B 131 -33.76 -10.31 -4.14
N SER B 132 -34.84 -9.73 -4.69
CA SER B 132 -35.63 -10.41 -5.69
C SER B 132 -34.89 -10.59 -7.00
N LEU B 133 -33.92 -9.73 -7.28
CA LEU B 133 -33.13 -9.87 -8.49
C LEU B 133 -31.94 -10.81 -8.33
N GLY B 134 -31.73 -11.36 -7.13
CA GLY B 134 -30.56 -12.16 -6.84
C GLY B 134 -29.46 -11.50 -6.01
N VAL B 135 -29.62 -10.23 -5.61
CA VAL B 135 -28.58 -9.48 -4.89
C VAL B 135 -28.82 -9.61 -3.38
N LYS B 136 -27.85 -10.18 -2.65
CA LYS B 136 -28.05 -10.45 -1.23
C LYS B 136 -27.33 -9.46 -0.32
N GLU B 137 -26.16 -8.97 -0.71
CA GLU B 137 -25.39 -8.03 0.11
C GLU B 137 -25.76 -6.61 -0.27
N ALA B 138 -27.02 -6.27 0.01
CA ALA B 138 -27.51 -4.91 -0.22
C ALA B 138 -28.66 -4.63 0.73
N ALA B 139 -28.79 -3.35 1.11
CA ALA B 139 -29.85 -2.91 2.01
C ALA B 139 -30.30 -1.51 1.60
N VAL B 140 -31.60 -1.25 1.70
CA VAL B 140 -32.15 0.08 1.54
C VAL B 140 -33.14 0.31 2.67
N VAL B 141 -32.74 1.16 3.64
CA VAL B 141 -33.54 1.40 4.84
C VAL B 141 -34.07 2.84 4.92
N ALA B 142 -33.61 3.76 4.06
CA ALA B 142 -33.90 5.19 4.20
C ALA B 142 -34.10 5.86 2.85
N ASN B 143 -34.80 7.01 2.86
CA ASN B 143 -35.11 7.86 1.71
C ASN B 143 -34.31 9.14 1.80
N GLU B 144 -34.57 10.07 0.86
CA GLU B 144 -33.74 11.27 0.79
C GLU B 144 -33.94 12.20 1.98
N ALA B 145 -35.15 12.24 2.55
CA ALA B 145 -35.36 13.11 3.70
C ALA B 145 -34.60 12.60 4.92
N GLN B 146 -34.57 11.29 5.12
CA GLN B 146 -33.84 10.76 6.26
C GLN B 146 -32.34 10.90 6.07
N MET B 147 -31.87 10.84 4.83
CA MET B 147 -30.45 11.10 4.57
C MET B 147 -30.10 12.56 4.82
N HIS B 148 -31.00 13.48 4.43
CA HIS B 148 -30.75 14.88 4.71
C HIS B 148 -30.93 15.20 6.19
N ALA B 149 -31.75 14.41 6.90
CA ALA B 149 -32.00 14.74 8.29
C ALA B 149 -30.83 14.32 9.18
N ASP B 150 -30.20 13.19 8.85
CA ASP B 150 -29.06 12.65 9.58
C ASP B 150 -28.06 12.18 8.54
N ASP B 151 -26.85 12.75 8.53
CA ASP B 151 -25.91 12.39 7.47
C ASP B 151 -25.20 11.07 7.71
N GLN B 152 -25.59 10.31 8.72
CA GLN B 152 -24.99 9.00 8.91
C GLN B 152 -25.94 7.87 8.55
N VAL B 153 -27.19 8.18 8.20
CA VAL B 153 -28.08 7.18 7.65
C VAL B 153 -27.60 6.73 6.29
N GLN B 154 -26.87 7.58 5.57
CA GLN B 154 -26.37 7.22 4.23
C GLN B 154 -25.64 5.89 4.25
N TYR B 155 -24.80 5.67 5.25
CA TYR B 155 -24.05 4.43 5.37
C TYR B 155 -24.92 3.19 5.44
N GLN B 156 -26.22 3.34 5.66
CA GLN B 156 -27.13 2.21 5.76
C GLN B 156 -27.88 1.92 4.46
N ASN B 157 -27.89 2.85 3.50
CA ASN B 157 -28.18 2.53 2.10
C ASN B 157 -26.86 2.14 1.44
N TRP B 158 -26.42 0.91 1.71
CA TRP B 158 -25.11 0.43 1.31
C TRP B 158 -25.22 -0.59 0.17
N THR B 159 -24.06 -0.95 -0.39
CA THR B 159 -23.96 -2.05 -1.34
C THR B 159 -22.59 -2.68 -1.24
N SER B 160 -22.50 -3.96 -1.55
CA SER B 160 -21.18 -4.56 -1.68
C SER B 160 -20.72 -4.35 -3.12
N MET B 161 -19.45 -4.61 -3.39
CA MET B 161 -19.03 -4.43 -4.77
C MET B 161 -19.51 -5.56 -5.67
N LYS B 162 -19.69 -6.75 -5.11
CA LYS B 162 -20.30 -7.81 -5.90
C LYS B 162 -21.76 -7.49 -6.13
N ALA B 163 -22.44 -7.02 -5.09
CA ALA B 163 -23.83 -6.62 -5.23
C ALA B 163 -23.97 -5.52 -6.26
N ALA B 164 -22.96 -4.66 -6.35
CA ALA B 164 -22.97 -3.61 -7.35
C ALA B 164 -22.96 -4.20 -8.74
N ALA B 165 -22.17 -5.25 -8.94
CA ALA B 165 -22.01 -5.83 -10.26
C ALA B 165 -23.28 -6.50 -10.75
N GLN B 166 -24.08 -7.03 -9.82
CA GLN B 166 -25.24 -7.80 -10.22
C GLN B 166 -26.39 -6.92 -10.66
N VAL B 167 -26.62 -5.79 -9.99
CA VAL B 167 -27.66 -4.88 -10.47
C VAL B 167 -27.32 -4.38 -11.87
N LEU B 168 -26.07 -3.99 -12.06
CA LEU B 168 -25.62 -3.55 -13.37
C LEU B 168 -25.72 -4.68 -14.37
N GLN B 169 -25.46 -5.90 -13.91
CA GLN B 169 -25.67 -7.09 -14.72
C GLN B 169 -27.14 -7.21 -15.10
N LYS B 170 -28.02 -7.13 -14.11
CA LYS B 170 -29.45 -7.21 -14.36
C LYS B 170 -29.99 -5.98 -15.03
N PHE B 171 -29.24 -4.90 -15.09
CA PHE B 171 -29.82 -3.86 -15.90
C PHE B 171 -29.40 -3.99 -17.36
N GLU B 172 -28.14 -4.39 -17.57
CA GLU B 172 -27.59 -4.50 -18.92
C GLU B 172 -28.29 -5.57 -19.73
N GLN B 173 -28.51 -6.74 -19.13
CA GLN B 173 -28.96 -7.88 -19.91
C GLN B 173 -30.46 -7.83 -20.18
N LYS B 174 -31.15 -6.81 -19.67
CA LYS B 174 -32.56 -6.55 -19.98
C LYS B 174 -33.48 -7.70 -19.58
N LYS B 175 -33.11 -8.55 -18.63
CA LYS B 175 -34.00 -9.65 -18.25
C LYS B 175 -35.02 -9.26 -17.19
N GLN B 176 -35.02 -8.01 -16.71
CA GLN B 176 -35.88 -7.61 -15.61
C GLN B 176 -36.85 -6.50 -15.97
N LEU B 177 -36.86 -6.02 -17.22
CA LEU B 177 -37.84 -5.04 -17.67
C LEU B 177 -38.25 -5.32 -19.12
N SER B 178 -39.43 -4.82 -19.49
CA SER B 178 -39.91 -4.93 -20.85
C SER B 178 -39.05 -4.09 -21.80
N GLU B 179 -39.10 -4.46 -23.08
CA GLU B 179 -38.34 -3.75 -24.10
C GLU B 179 -38.68 -2.27 -24.14
N THR B 180 -39.90 -1.88 -23.76
CA THR B 180 -40.12 -0.44 -23.68
C THR B 180 -39.72 0.15 -22.32
N SER B 181 -40.04 -0.51 -21.21
CA SER B 181 -39.54 0.00 -19.94
C SER B 181 -38.04 0.03 -19.94
N GLN B 182 -37.42 -0.98 -20.54
CA GLN B 182 -35.96 -1.06 -20.58
C GLN B 182 -35.38 0.09 -21.41
N ALA B 183 -35.92 0.30 -22.60
CA ALA B 183 -35.32 1.28 -23.51
C ALA B 183 -35.38 2.69 -22.92
N LEU B 184 -36.36 2.98 -22.07
CA LEU B 184 -36.38 4.29 -21.43
C LEU B 184 -35.25 4.41 -20.42
N LEU B 185 -35.09 3.38 -19.59
CA LEU B 185 -34.12 3.44 -18.50
C LEU B 185 -32.71 3.68 -19.04
N TRP B 186 -32.33 2.92 -20.06
CA TRP B 186 -31.10 3.20 -20.79
C TRP B 186 -31.03 4.66 -21.19
N LYS B 187 -32.09 5.16 -21.81
CA LYS B 187 -32.06 6.50 -22.36
C LYS B 187 -31.78 7.52 -21.26
N TRP B 188 -32.45 7.39 -20.10
CA TRP B 188 -32.21 8.31 -19.01
C TRP B 188 -30.81 8.16 -18.46
N MET B 189 -30.25 6.97 -18.56
CA MET B 189 -28.94 6.76 -18.00
C MET B 189 -27.80 6.98 -19.00
N VAL B 190 -28.12 7.24 -20.27
CA VAL B 190 -27.13 7.68 -21.23
C VAL B 190 -27.21 9.18 -21.49
N GLU B 191 -28.42 9.75 -21.56
CA GLU B 191 -28.53 11.19 -21.77
C GLU B 191 -28.23 12.03 -20.51
N THR B 192 -27.90 11.39 -19.39
CA THR B 192 -27.54 12.13 -18.19
C THR B 192 -26.34 13.01 -18.48
N THR B 193 -26.31 14.18 -17.84
CA THR B 193 -25.13 15.03 -17.88
C THR B 193 -24.35 14.99 -16.58
N THR B 194 -24.85 14.28 -15.56
CA THR B 194 -24.15 14.28 -14.29
C THR B 194 -22.86 13.47 -14.41
N GLY B 195 -21.83 13.91 -13.68
CA GLY B 195 -20.54 13.27 -13.60
C GLY B 195 -19.75 13.03 -14.89
N PRO B 196 -19.51 14.07 -15.69
CA PRO B 196 -18.73 13.88 -16.94
C PRO B 196 -17.29 13.50 -16.70
N GLN B 197 -16.79 13.66 -15.49
CA GLN B 197 -15.42 13.33 -15.16
C GLN B 197 -15.34 12.09 -14.27
N ARG B 198 -16.37 11.25 -14.28
CA ARG B 198 -16.37 10.05 -13.46
C ARG B 198 -16.13 8.87 -14.39
N LEU B 199 -17.12 8.06 -14.71
CA LEU B 199 -16.84 6.95 -15.60
C LEU B 199 -16.36 7.42 -16.96
N LYS B 200 -16.81 8.58 -17.42
CA LYS B 200 -16.52 9.08 -18.77
C LYS B 200 -15.25 9.93 -18.88
N GLY B 201 -14.55 10.19 -17.78
CA GLY B 201 -13.50 11.21 -17.80
C GLY B 201 -12.37 10.94 -18.78
N LEU B 202 -12.03 9.67 -18.98
CA LEU B 202 -10.92 9.29 -19.85
C LEU B 202 -11.36 8.25 -20.88
N LEU B 203 -12.59 8.28 -21.24
CA LEU B 203 -12.96 7.42 -22.33
C LEU B 203 -12.99 8.26 -23.58
N PRO B 204 -12.75 7.71 -24.76
CA PRO B 204 -12.83 8.55 -25.96
C PRO B 204 -14.16 9.31 -26.02
N ALA B 205 -14.17 10.50 -26.62
CA ALA B 205 -15.40 11.28 -26.63
C ALA B 205 -16.49 10.52 -27.40
N GLY B 206 -17.71 10.63 -26.91
CA GLY B 206 -18.81 9.89 -27.49
C GLY B 206 -18.85 8.43 -27.10
N THR B 207 -17.94 7.96 -26.24
CA THR B 207 -18.07 6.60 -25.75
C THR B 207 -19.34 6.52 -24.94
N ILE B 208 -20.31 5.76 -25.46
CA ILE B 208 -21.59 5.62 -24.79
C ILE B 208 -21.36 4.99 -23.44
N VAL B 209 -21.97 5.59 -22.42
CA VAL B 209 -21.92 5.07 -21.05
C VAL B 209 -23.30 5.26 -20.45
N ALA B 210 -24.00 4.17 -20.17
CA ALA B 210 -25.13 4.26 -19.28
C ALA B 210 -24.61 4.16 -17.85
N HIS B 211 -24.95 5.13 -17.00
CA HIS B 211 -24.38 5.15 -15.65
C HIS B 211 -25.24 5.95 -14.67
N LYS B 212 -24.98 5.72 -13.38
CA LYS B 212 -25.65 6.47 -12.32
C LYS B 212 -24.64 7.06 -11.34
N THR B 213 -24.64 8.38 -11.23
CA THR B 213 -23.73 9.05 -10.33
C THR B 213 -24.23 9.02 -8.89
N GLY B 214 -23.32 9.28 -7.96
CA GLY B 214 -23.63 9.42 -6.55
C GLY B 214 -22.63 10.33 -5.86
N THR B 215 -23.13 11.27 -5.06
CA THR B 215 -22.26 12.25 -4.41
C THR B 215 -22.81 12.61 -3.04
N SER B 216 -21.91 12.77 -2.07
CA SER B 216 -22.29 13.14 -0.73
C SER B 216 -21.91 14.59 -0.46
N GLY B 217 -22.34 15.11 0.68
CA GLY B 217 -21.82 16.38 1.12
C GLY B 217 -20.42 16.21 1.63
N VAL B 218 -19.73 17.32 1.83
CA VAL B 218 -18.37 17.30 2.36
C VAL B 218 -18.46 17.84 3.77
N ARG B 219 -17.93 17.08 4.73
CA ARG B 219 -18.00 17.37 6.15
C ARG B 219 -16.61 17.21 6.77
N ALA B 220 -16.12 18.27 7.41
CA ALA B 220 -14.86 18.27 8.16
C ALA B 220 -13.67 17.86 7.30
N GLY B 221 -13.72 18.20 6.01
CA GLY B 221 -12.65 17.89 5.08
C GLY B 221 -12.60 16.47 4.53
N LYS B 222 -13.70 15.73 4.60
CA LYS B 222 -13.81 14.38 4.06
C LYS B 222 -15.09 14.22 3.25
N THR B 223 -15.06 13.36 2.23
CA THR B 223 -16.26 13.05 1.44
C THR B 223 -16.70 11.62 1.71
N ALA B 224 -17.89 11.48 2.30
CA ALA B 224 -18.42 10.16 2.64
C ALA B 224 -18.56 9.26 1.43
N ALA B 225 -19.06 9.81 0.32
CA ALA B 225 -19.41 8.96 -0.82
C ALA B 225 -19.24 9.69 -2.14
N THR B 226 -18.51 9.05 -3.06
CA THR B 226 -18.34 9.54 -4.44
C THR B 226 -18.43 8.30 -5.34
N ASN B 227 -19.58 8.12 -5.96
CA ASN B 227 -19.84 6.88 -6.70
C ASN B 227 -20.33 7.14 -8.13
N ASP B 228 -19.87 6.33 -9.06
CA ASP B 228 -20.50 6.31 -10.38
C ASP B 228 -20.43 4.89 -10.93
N ALA B 229 -21.61 4.32 -11.19
CA ALA B 229 -21.71 2.97 -11.71
C ALA B 229 -22.51 2.98 -12.99
N GLY B 230 -22.11 2.13 -13.92
CA GLY B 230 -22.84 2.03 -15.16
C GLY B 230 -22.34 0.93 -16.05
N VAL B 231 -22.73 1.00 -17.31
CA VAL B 231 -22.32 0.02 -18.30
C VAL B 231 -21.70 0.79 -19.46
N ILE B 232 -20.52 0.37 -19.88
CA ILE B 232 -19.72 1.08 -20.88
C ILE B 232 -19.68 0.24 -22.15
N MET B 233 -20.16 0.81 -23.25
CA MET B 233 -20.23 0.11 -24.52
C MET B 233 -18.88 0.10 -25.24
N LEU B 234 -18.38 -1.10 -25.52
CA LEU B 234 -17.11 -1.30 -26.20
C LEU B 234 -17.27 -1.04 -27.68
N PRO B 235 -16.15 -0.95 -28.42
CA PRO B 235 -16.24 -0.72 -29.87
C PRO B 235 -16.98 -1.83 -30.60
N ASP B 236 -16.86 -3.08 -30.12
CA ASP B 236 -17.55 -4.19 -30.77
C ASP B 236 -18.97 -4.37 -30.23
N GLY B 237 -19.60 -3.29 -29.75
CA GLY B 237 -20.96 -3.36 -29.27
C GLY B 237 -21.17 -4.31 -28.11
N ARG B 238 -20.12 -4.66 -27.40
CA ARG B 238 -20.34 -5.45 -26.20
C ARG B 238 -20.29 -4.58 -24.95
N PRO B 239 -20.96 -4.98 -23.88
CA PRO B 239 -20.99 -4.15 -22.66
C PRO B 239 -19.86 -4.48 -21.70
N LEU B 240 -19.46 -3.46 -20.96
CA LEU B 240 -18.44 -3.59 -19.92
C LEU B 240 -18.94 -2.95 -18.64
N LEU B 241 -19.17 -3.77 -17.62
CA LEU B 241 -19.74 -3.31 -16.37
C LEU B 241 -18.60 -2.90 -15.45
N VAL B 242 -18.50 -1.60 -15.20
CA VAL B 242 -17.52 -1.03 -14.28
C VAL B 242 -18.29 -0.18 -13.28
N ALA B 243 -17.99 -0.35 -12.00
CA ALA B 243 -18.50 0.48 -10.93
C ALA B 243 -17.35 0.81 -9.99
N VAL B 244 -17.28 2.07 -9.54
CA VAL B 244 -16.23 2.52 -8.61
C VAL B 244 -16.85 3.38 -7.51
N PHE B 245 -16.60 3.01 -6.25
CA PHE B 245 -17.17 3.69 -5.08
C PHE B 245 -16.04 4.15 -4.19
N VAL B 246 -15.83 5.46 -4.12
CA VAL B 246 -14.76 6.06 -3.31
C VAL B 246 -15.38 6.52 -1.99
N LYS B 247 -15.07 5.83 -0.91
CA LYS B 247 -15.74 5.98 0.37
C LYS B 247 -14.85 6.75 1.34
N ASP B 248 -15.47 7.63 2.13
CA ASP B 248 -14.84 8.38 3.22
C ASP B 248 -13.46 8.92 2.78
N SER B 249 -13.48 9.74 1.73
CA SER B 249 -12.26 10.15 1.06
C SER B 249 -11.82 11.51 1.56
N ALA B 250 -10.55 11.60 1.95
CA ALA B 250 -9.91 12.86 2.31
C ALA B 250 -9.15 13.49 1.15
N GLU B 251 -9.46 13.12 -0.08
CA GLU B 251 -8.76 13.67 -1.23
C GLU B 251 -9.67 14.63 -1.97
N SER B 252 -9.08 15.32 -2.95
CA SER B 252 -9.81 16.35 -3.64
C SER B 252 -11.02 15.78 -4.36
N GLU B 253 -11.91 16.68 -4.77
CA GLU B 253 -13.05 16.25 -5.57
C GLU B 253 -12.56 15.74 -6.92
N ARG B 254 -11.73 16.51 -7.61
CA ARG B 254 -11.16 16.06 -8.87
C ARG B 254 -10.35 14.79 -8.68
N THR B 255 -9.55 14.74 -7.62
CA THR B 255 -8.76 13.53 -7.38
C THR B 255 -9.64 12.31 -7.30
N ASN B 256 -10.73 12.41 -6.54
CA ASN B 256 -11.66 11.29 -6.41
C ASN B 256 -12.25 10.92 -7.77
N GLU B 257 -12.72 11.91 -8.53
CA GLU B 257 -13.26 11.65 -9.86
C GLU B 257 -12.18 11.13 -10.81
N ALA B 258 -10.92 11.43 -10.55
CA ALA B 258 -9.87 10.89 -11.40
C ALA B 258 -9.71 9.39 -11.17
N ILE B 259 -9.80 8.97 -9.92
CA ILE B 259 -9.71 7.56 -9.58
C ILE B 259 -10.73 6.79 -10.39
N ILE B 260 -11.95 7.31 -10.44
CA ILE B 260 -12.98 6.64 -11.22
C ILE B 260 -12.55 6.54 -12.67
N ALA B 261 -12.16 7.66 -13.28
CA ALA B 261 -11.82 7.62 -14.71
C ALA B 261 -10.63 6.72 -14.97
N GLN B 262 -9.58 6.85 -14.15
CA GLN B 262 -8.42 5.97 -14.32
C GLN B 262 -8.81 4.50 -14.26
N VAL B 263 -9.76 4.15 -13.38
CA VAL B 263 -10.18 2.76 -13.27
C VAL B 263 -10.86 2.29 -14.54
N ALA B 264 -11.82 3.08 -15.02
CA ALA B 264 -12.49 2.73 -16.27
C ALA B 264 -11.50 2.64 -17.43
N GLN B 265 -10.56 3.57 -17.49
CA GLN B 265 -9.60 3.53 -18.59
C GLN B 265 -8.73 2.29 -18.53
N ALA B 266 -8.41 1.81 -17.32
CA ALA B 266 -7.64 0.58 -17.22
C ALA B 266 -8.45 -0.61 -17.70
N ALA B 267 -9.71 -0.69 -17.30
CA ALA B 267 -10.57 -1.73 -17.80
C ALA B 267 -10.86 -1.55 -19.29
N TYR B 268 -11.28 -0.35 -19.68
CA TYR B 268 -11.64 -0.07 -21.08
C TYR B 268 -10.49 -0.45 -22.01
N GLN B 269 -9.28 0.03 -21.71
CA GLN B 269 -8.12 -0.29 -22.55
C GLN B 269 -7.83 -1.79 -22.49
N PHE B 270 -7.88 -2.38 -21.30
CA PHE B 270 -7.75 -3.83 -21.19
C PHE B 270 -8.64 -4.53 -22.20
N GLU B 271 -9.91 -4.13 -22.24
CA GLU B 271 -10.86 -4.75 -23.15
C GLU B 271 -10.48 -4.59 -24.63
N LEU B 272 -9.74 -3.55 -25.00
CA LEU B 272 -9.62 -3.30 -26.44
C LEU B 272 -8.75 -4.34 -27.16
N LYS B 273 -7.78 -4.97 -26.49
CA LYS B 273 -7.03 -6.06 -27.08
C LYS B 273 -7.34 -7.40 -26.43
N LYS B 274 -8.34 -7.44 -25.57
CA LYS B 274 -8.65 -8.62 -24.76
C LYS B 274 -8.81 -9.92 -25.58
N SER C 1 45.73 -14.25 17.97
CA SER C 1 46.48 -15.21 17.18
C SER C 1 46.25 -14.92 15.71
N PRO C 2 47.34 -14.85 14.92
CA PRO C 2 47.21 -14.30 13.55
C PRO C 2 46.53 -15.22 12.53
N LEU C 3 46.25 -16.51 12.84
CA LEU C 3 45.72 -17.39 11.81
C LEU C 3 44.31 -17.01 11.39
N LEU C 4 43.44 -16.69 12.36
CA LEU C 4 42.13 -16.16 12.02
C LEU C 4 42.26 -14.93 11.16
N LYS C 5 43.20 -14.06 11.51
CA LYS C 5 43.45 -12.84 10.75
C LYS C 5 43.78 -13.17 9.31
N GLU C 6 44.43 -14.33 9.07
CA GLU C 6 44.78 -14.69 7.71
C GLU C 6 43.50 -14.93 6.90
N GLN C 7 42.59 -15.78 7.43
CA GLN C 7 41.35 -16.08 6.70
C GLN C 7 40.38 -14.90 6.67
N ILE C 8 40.49 -13.94 7.59
CA ILE C 8 39.62 -12.76 7.52
C ILE C 8 39.95 -11.90 6.32
N GLU C 9 41.23 -11.69 6.02
CA GLU C 9 41.56 -10.91 4.84
C GLU C 9 41.43 -11.69 3.53
N THR C 10 41.35 -13.03 3.56
CA THR C 10 40.89 -13.70 2.34
C THR C 10 39.38 -13.61 2.19
N ILE C 11 38.65 -13.30 3.28
CA ILE C 11 37.21 -13.04 3.18
C ILE C 11 36.94 -11.66 2.58
N VAL C 12 37.79 -10.67 2.84
CA VAL C 12 37.47 -9.28 2.50
C VAL C 12 38.27 -8.74 1.32
N THR C 13 39.46 -9.28 1.04
CA THR C 13 40.26 -8.78 -0.06
C THR C 13 39.54 -8.95 -1.38
N GLY C 14 39.54 -7.88 -2.18
CA GLY C 14 38.89 -7.85 -3.46
C GLY C 14 37.42 -7.47 -3.43
N LYS C 15 36.81 -7.51 -2.25
CA LYS C 15 35.40 -7.14 -2.08
C LYS C 15 35.26 -5.62 -2.12
N LYS C 16 34.42 -5.12 -3.02
CA LYS C 16 34.34 -3.66 -3.20
C LYS C 16 33.62 -3.00 -2.02
N ALA C 17 34.27 -2.94 -0.87
CA ALA C 17 33.66 -2.45 0.36
C ALA C 17 34.74 -2.26 1.42
N THR C 18 34.42 -1.44 2.40
CA THR C 18 35.25 -1.28 3.57
C THR C 18 34.64 -2.16 4.66
N VAL C 19 35.33 -3.22 5.01
CA VAL C 19 34.81 -4.21 5.94
C VAL C 19 35.60 -4.11 7.23
N GLY C 20 34.92 -3.77 8.32
CA GLY C 20 35.51 -3.80 9.63
C GLY C 20 35.07 -5.05 10.35
N VAL C 21 36.01 -5.69 11.04
CA VAL C 21 35.76 -6.96 11.71
C VAL C 21 36.37 -6.90 13.10
N ALA C 22 35.61 -7.39 14.09
CA ALA C 22 36.09 -7.57 15.45
C ALA C 22 35.68 -8.95 15.95
N VAL C 23 36.63 -9.62 16.61
CA VAL C 23 36.38 -10.87 17.32
C VAL C 23 37.04 -10.76 18.70
N TRP C 24 36.33 -11.19 19.74
CA TRP C 24 36.87 -11.20 21.10
C TRP C 24 36.53 -12.56 21.70
N GLY C 25 37.44 -13.52 21.52
CA GLY C 25 37.25 -14.83 22.08
C GLY C 25 37.39 -14.80 23.58
N PRO C 26 37.02 -15.90 24.23
CA PRO C 26 37.20 -15.99 25.68
C PRO C 26 38.63 -16.21 26.10
N ASP C 27 39.56 -16.42 25.19
CA ASP C 27 40.94 -16.52 25.60
C ASP C 27 41.75 -15.35 25.05
N ASP C 28 41.08 -14.36 24.48
CA ASP C 28 41.70 -13.12 24.07
C ASP C 28 41.53 -12.04 25.14
N LEU C 29 42.61 -11.28 25.36
CA LEU C 29 42.60 -10.18 26.31
C LEU C 29 42.17 -8.89 25.63
N GLU C 30 42.37 -8.78 24.33
CA GLU C 30 41.92 -7.66 23.52
C GLU C 30 41.36 -8.24 22.18
N PRO C 31 40.43 -7.50 21.60
CA PRO C 31 39.88 -7.99 20.31
C PRO C 31 40.86 -7.94 19.16
N LEU C 32 40.68 -8.88 18.24
CA LEU C 32 41.26 -8.78 16.90
C LEU C 32 40.44 -7.77 16.10
N LEU C 33 41.09 -6.76 15.55
CA LEU C 33 40.39 -5.71 14.83
C LEU C 33 40.91 -5.65 13.41
N LEU C 34 39.99 -5.48 12.46
CA LEU C 34 40.32 -5.17 11.08
C LEU C 34 39.72 -3.81 10.78
N ASN C 35 40.52 -2.93 10.17
CA ASN C 35 40.14 -1.54 9.94
C ASN C 35 39.78 -0.81 11.24
N PRO C 36 40.69 -0.70 12.21
CA PRO C 36 40.36 0.07 13.41
C PRO C 36 40.51 1.55 13.19
N PHE C 37 41.07 1.99 12.04
CA PHE C 37 41.09 3.42 11.82
C PHE C 37 39.73 3.93 11.39
N GLU C 38 38.76 3.04 11.20
CA GLU C 38 37.57 3.40 10.44
C GLU C 38 36.32 3.48 11.29
N LYS C 39 35.41 4.36 10.87
CA LYS C 39 34.16 4.64 11.55
C LYS C 39 33.00 4.06 10.76
N PHE C 40 32.31 3.10 11.37
CA PHE C 40 31.31 2.33 10.65
C PHE C 40 29.93 2.78 11.08
N PRO C 41 29.13 3.29 10.15
CA PRO C 41 27.73 3.60 10.46
C PRO C 41 27.01 2.39 10.99
N MET C 42 26.17 2.64 12.00
CA MET C 42 25.48 1.58 12.70
C MET C 42 24.14 1.23 12.08
N GLN C 43 23.45 2.20 11.45
CA GLN C 43 22.06 2.02 11.07
C GLN C 43 21.36 1.53 12.34
N SER C 44 20.55 0.48 12.29
CA SER C 44 19.75 0.14 13.46
C SER C 44 20.55 -0.59 14.55
N VAL C 45 21.87 -0.72 14.42
CA VAL C 45 22.66 -1.40 15.44
C VAL C 45 22.66 -0.65 16.76
N PHE C 46 22.74 0.68 16.71
CA PHE C 46 22.85 1.38 18.00
C PHE C 46 21.60 1.30 18.86
N LYS C 47 20.53 0.66 18.38
CA LYS C 47 19.39 0.34 19.21
C LYS C 47 19.76 -0.66 20.30
N LEU C 48 20.91 -1.32 20.15
CA LEU C 48 21.48 -2.07 21.26
C LEU C 48 21.92 -1.14 22.37
N HIS C 49 22.65 -0.09 22.01
CA HIS C 49 23.11 0.89 22.99
C HIS C 49 21.93 1.56 23.68
N LEU C 50 20.98 2.05 22.89
CA LEU C 50 19.78 2.65 23.45
C LEU C 50 19.07 1.72 24.43
N ALA C 51 18.87 0.45 24.05
CA ALA C 51 18.17 -0.47 24.94
C ALA C 51 18.88 -0.56 26.27
N MET C 52 20.21 -0.55 26.24
CA MET C 52 21.00 -0.59 27.47
C MET C 52 20.73 0.66 28.29
N LEU C 53 20.72 1.82 27.64
CA LEU C 53 20.33 3.04 28.33
C LEU C 53 18.93 2.92 28.91
N VAL C 54 17.93 2.63 28.06
CA VAL C 54 16.53 2.57 28.50
C VAL C 54 16.37 1.66 29.71
N LEU C 55 17.02 0.50 29.69
CA LEU C 55 16.93 -0.40 30.84
C LEU C 55 17.79 0.06 32.02
N HIS C 56 18.78 0.94 31.82
CA HIS C 56 19.49 1.54 32.96
C HIS C 56 18.79 2.75 33.53
N GLN C 57 18.17 3.57 32.69
CA GLN C 57 17.28 4.57 33.22
C GLN C 57 16.16 3.91 33.97
N VAL C 58 15.74 2.73 33.52
CA VAL C 58 14.71 1.99 34.24
C VAL C 58 15.28 1.42 35.53
N ASP C 59 16.51 0.92 35.49
CA ASP C 59 17.11 0.33 36.68
C ASP C 59 17.31 1.38 37.78
N GLN C 60 17.61 2.61 37.40
CA GLN C 60 17.77 3.66 38.36
C GLN C 60 16.43 4.33 38.69
N GLY C 61 15.32 3.71 38.28
CA GLY C 61 14.00 4.18 38.66
C GLY C 61 13.52 5.45 37.99
N LYS C 62 14.22 5.94 36.96
CA LYS C 62 13.69 7.08 36.19
C LYS C 62 12.44 6.70 35.40
N LEU C 63 12.42 5.48 34.89
CA LEU C 63 11.31 4.98 34.09
C LEU C 63 10.96 3.57 34.54
N ASP C 64 9.89 3.07 33.97
CA ASP C 64 9.38 1.77 34.33
C ASP C 64 9.05 1.03 33.04
N LEU C 65 9.24 -0.29 33.05
CA LEU C 65 9.02 -1.07 31.83
C LEU C 65 7.59 -0.89 31.36
N ASN C 66 6.67 -0.95 32.33
CA ASN C 66 5.23 -0.93 32.17
C ASN C 66 4.63 0.47 32.24
N GLN C 67 5.44 1.48 32.52
CA GLN C 67 5.09 2.86 32.22
C GLN C 67 4.71 2.97 30.75
N SER C 68 3.45 3.29 30.49
CA SER C 68 2.96 3.38 29.13
C SER C 68 3.38 4.69 28.48
N VAL C 69 3.58 4.61 27.17
CA VAL C 69 3.77 5.78 26.32
C VAL C 69 2.76 5.67 25.20
N THR C 70 2.03 6.76 24.96
CA THR C 70 1.03 6.77 23.93
C THR C 70 1.67 7.10 22.60
N VAL C 71 1.06 6.62 21.52
CA VAL C 71 1.61 6.70 20.18
C VAL C 71 0.57 7.39 19.33
N ASN C 72 0.91 8.56 18.82
CA ASN C 72 0.02 9.29 17.93
C ASN C 72 0.43 9.04 16.50
N ARG C 73 -0.43 8.35 15.77
CA ARG C 73 -0.15 8.01 14.39
C ARG C 73 -0.01 9.24 13.51
N ALA C 74 -0.77 10.31 13.78
CA ALA C 74 -0.62 11.49 12.93
C ALA C 74 0.80 12.03 12.99
N ALA C 75 1.33 12.28 14.18
CA ALA C 75 2.53 13.08 14.34
C ALA C 75 3.83 12.28 14.33
N VAL C 76 3.78 10.95 14.40
CA VAL C 76 4.99 10.15 14.36
C VAL C 76 5.55 10.11 12.93
N LEU C 77 6.86 9.80 12.84
CA LEU C 77 7.59 9.68 11.58
C LEU C 77 6.91 8.72 10.62
N GLN C 78 7.03 9.03 9.32
CA GLN C 78 6.37 8.24 8.30
C GLN C 78 7.33 7.94 7.15
N ASN C 79 8.08 6.85 7.32
CA ASN C 79 8.59 6.05 6.22
C ASN C 79 8.47 4.58 6.59
N THR C 80 9.52 4.09 7.24
CA THR C 80 9.76 2.67 7.42
C THR C 80 8.62 1.95 8.08
N TRP C 81 8.40 0.69 7.71
CA TRP C 81 7.82 -0.25 8.63
C TRP C 81 8.08 0.06 10.08
N SER C 82 7.10 -0.31 10.85
CA SER C 82 7.15 -0.31 12.29
C SER C 82 6.14 -1.35 12.67
N PRO C 83 6.57 -2.55 13.02
CA PRO C 83 5.61 -3.59 13.41
C PRO C 83 4.62 -3.09 14.47
N MET C 84 5.03 -2.12 15.29
CA MET C 84 4.12 -1.46 16.23
C MET C 84 2.95 -0.82 15.48
N MET C 85 3.24 -0.07 14.42
CA MET C 85 2.25 0.61 13.58
C MET C 85 1.41 -0.35 12.75
N LYS C 86 1.67 -1.65 12.81
CA LYS C 86 0.72 -2.58 12.24
C LYS C 86 -0.09 -3.31 13.29
N ASP C 87 0.52 -3.63 14.43
CA ASP C 87 -0.15 -4.50 15.40
C ASP C 87 -1.31 -3.77 16.10
N HIS C 88 -1.23 -2.43 16.19
CA HIS C 88 -2.23 -1.59 16.82
C HIS C 88 -3.01 -0.84 15.74
N GLN C 89 -4.28 -0.55 16.04
CA GLN C 89 -5.26 0.03 15.10
C GLN C 89 -5.79 1.37 15.63
N GLY C 90 -6.45 2.15 14.74
CA GLY C 90 -7.08 3.41 15.14
C GLY C 90 -6.20 4.64 15.01
N ASP C 91 -6.66 5.78 15.58
CA ASP C 91 -5.90 7.03 15.52
C ASP C 91 -4.88 7.21 16.64
N GLU C 92 -5.00 6.50 17.75
CA GLU C 92 -4.07 6.69 18.86
C GLU C 92 -4.17 5.49 19.77
N PHE C 93 -3.02 5.01 20.25
CA PHE C 93 -3.01 3.85 21.13
C PHE C 93 -1.85 3.97 22.10
N THR C 94 -1.92 3.18 23.18
CA THR C 94 -0.93 3.18 24.24
C THR C 94 -0.06 1.93 24.17
N VAL C 95 1.24 2.10 24.41
CA VAL C 95 2.24 1.05 24.25
C VAL C 95 3.18 1.05 25.46
N ALA C 96 3.43 -0.11 26.03
CA ALA C 96 4.35 -0.14 27.14
C ALA C 96 5.78 0.10 26.66
N VAL C 97 6.64 0.53 27.60
CA VAL C 97 8.06 0.64 27.29
C VAL C 97 8.70 -0.74 27.15
N GLN C 98 8.30 -1.70 28.00
CA GLN C 98 8.65 -3.08 27.70
C GLN C 98 8.24 -3.39 26.27
N GLN C 99 7.04 -2.98 25.87
CA GLN C 99 6.63 -3.29 24.51
C GLN C 99 7.46 -2.51 23.50
N LEU C 100 7.82 -1.25 23.83
CA LEU C 100 8.68 -0.48 22.94
C LEU C 100 10.10 -0.98 22.93
N LEU C 101 10.60 -1.52 24.04
CA LEU C 101 11.95 -2.03 24.01
C LEU C 101 11.99 -3.23 23.09
N GLN C 102 11.07 -4.15 23.35
CA GLN C 102 10.87 -5.38 22.60
C GLN C 102 10.59 -5.10 21.13
N TYR C 103 9.80 -4.07 20.86
CA TYR C 103 9.60 -3.63 19.47
C TYR C 103 10.91 -3.20 18.81
N SER C 104 11.75 -2.48 19.55
CA SER C 104 12.93 -1.86 18.98
C SER C 104 14.13 -2.78 18.90
N VAL C 105 14.27 -3.74 19.81
CA VAL C 105 15.50 -4.53 19.84
C VAL C 105 15.44 -5.64 18.81
N SER C 106 14.40 -6.48 18.85
CA SER C 106 14.38 -7.61 17.94
C SER C 106 13.91 -7.21 16.56
N HIS C 107 12.83 -6.44 16.47
CA HIS C 107 12.19 -6.15 15.18
C HIS C 107 12.69 -4.90 14.50
N SER C 108 13.83 -4.34 14.94
CA SER C 108 14.55 -3.28 14.21
C SER C 108 13.60 -2.12 13.90
N ASP C 109 12.75 -1.81 14.88
CA ASP C 109 11.67 -0.85 14.70
C ASP C 109 12.23 0.57 14.73
N ASN C 110 11.99 1.34 13.68
CA ASN C 110 12.51 2.69 13.68
C ASN C 110 11.59 3.68 14.40
N VAL C 111 10.34 3.32 14.65
CA VAL C 111 9.49 4.21 15.45
C VAL C 111 9.75 4.02 16.94
N ALA C 112 9.68 2.77 17.42
CA ALA C 112 9.89 2.52 18.84
C ALA C 112 11.20 3.11 19.34
N CYS C 113 12.25 3.09 18.51
CA CYS C 113 13.52 3.70 18.90
C CYS C 113 13.37 5.19 19.13
N ASP C 114 12.85 5.91 18.14
CA ASP C 114 12.80 7.35 18.25
C ASP C 114 11.85 7.81 19.36
N LEU C 115 10.83 7.00 19.68
CA LEU C 115 10.04 7.31 20.87
C LEU C 115 10.87 7.18 22.14
N LEU C 116 11.69 6.14 22.22
CA LEU C 116 12.63 6.02 23.33
C LEU C 116 13.65 7.15 23.33
N PHE C 117 13.88 7.80 22.18
CA PHE C 117 14.81 8.92 22.20
C PHE C 117 14.20 10.07 22.96
N GLU C 118 12.88 10.25 22.87
CA GLU C 118 12.22 11.26 23.70
C GLU C 118 12.38 10.93 25.17
N LEU C 119 11.95 9.72 25.57
CA LEU C 119 11.93 9.32 26.97
C LEU C 119 13.30 9.33 27.65
N VAL C 120 14.39 9.26 26.89
CA VAL C 120 15.70 9.22 27.54
C VAL C 120 16.39 10.58 27.53
N GLY C 121 15.91 11.52 26.72
CA GLY C 121 16.57 12.81 26.64
C GLY C 121 17.36 12.98 25.36
N GLY C 122 16.93 12.29 24.30
CA GLY C 122 17.46 12.49 22.98
C GLY C 122 18.78 11.81 22.75
N PRO C 123 19.30 11.94 21.53
CA PRO C 123 20.60 11.32 21.20
C PRO C 123 21.75 11.60 22.18
N GLN C 124 21.95 12.84 22.62
CA GLN C 124 23.12 13.12 23.49
C GLN C 124 22.98 12.46 24.86
N ALA C 125 21.77 12.13 25.29
CA ALA C 125 21.60 11.38 26.53
C ALA C 125 22.21 9.99 26.41
N LEU C 126 22.00 9.35 25.25
CA LEU C 126 22.62 8.06 24.93
C LEU C 126 24.13 8.21 24.80
N HIS C 127 24.56 9.16 23.96
CA HIS C 127 25.97 9.50 23.81
C HIS C 127 26.65 9.61 25.17
N ALA C 128 26.10 10.46 26.04
CA ALA C 128 26.63 10.68 27.39
C ALA C 128 26.67 9.39 28.18
N TYR C 129 25.71 8.48 27.91
CA TYR C 129 25.67 7.13 28.51
C TYR C 129 26.70 6.19 27.90
N ILE C 130 27.01 6.37 26.61
CA ILE C 130 27.97 5.49 25.95
C ILE C 130 29.39 5.89 26.33
N GLN C 131 29.63 7.21 26.46
CA GLN C 131 30.88 7.67 27.04
C GLN C 131 31.05 7.18 28.46
N SER C 132 29.95 7.00 29.18
CA SER C 132 30.09 6.68 30.60
C SER C 132 30.60 5.26 30.82
N LEU C 133 30.47 4.37 29.84
CA LEU C 133 30.97 3.00 29.94
C LEU C 133 32.46 2.88 29.66
N GLY C 134 33.11 3.97 29.26
CA GLY C 134 34.50 3.95 28.86
C GLY C 134 34.71 3.99 27.36
N VAL C 135 33.62 4.03 26.58
CA VAL C 135 33.68 3.96 25.13
C VAL C 135 33.81 5.37 24.58
N LYS C 136 34.93 5.63 23.90
CA LYS C 136 35.17 6.96 23.35
C LYS C 136 34.96 7.01 21.85
N GLU C 137 35.34 5.94 21.13
CA GLU C 137 35.31 5.96 19.67
C GLU C 137 33.96 5.45 19.16
N ALA C 138 32.94 6.17 19.56
CA ALA C 138 31.56 5.93 19.16
C ALA C 138 30.86 7.27 19.25
N ALA C 139 29.83 7.47 18.44
CA ALA C 139 29.09 8.72 18.50
C ALA C 139 27.61 8.45 18.27
N VAL C 140 26.77 9.13 19.04
CA VAL C 140 25.32 9.11 18.86
C VAL C 140 24.94 10.57 18.68
N VAL C 141 24.66 10.95 17.44
CA VAL C 141 24.38 12.33 17.11
C VAL C 141 22.93 12.52 16.68
N ALA C 142 22.24 11.47 16.27
CA ALA C 142 20.94 11.65 15.65
C ALA C 142 20.02 10.49 15.97
N ASN C 143 18.76 10.71 15.68
CA ASN C 143 17.73 9.70 15.81
C ASN C 143 17.27 9.27 14.41
N GLU C 144 16.32 8.33 14.37
CA GLU C 144 15.95 7.74 13.10
C GLU C 144 15.24 8.74 12.20
N ALA C 145 14.57 9.73 12.79
CA ALA C 145 13.87 10.75 12.02
C ALA C 145 14.82 11.62 11.21
N GLN C 146 15.99 11.94 11.76
CA GLN C 146 16.97 12.67 10.95
C GLN C 146 17.72 11.78 9.99
N MET C 147 17.94 10.51 10.34
CA MET C 147 18.61 9.59 9.42
C MET C 147 17.75 9.35 8.18
N HIS C 148 16.43 9.25 8.37
CA HIS C 148 15.56 9.07 7.23
C HIS C 148 15.42 10.37 6.44
N ALA C 149 15.62 11.50 7.09
CA ALA C 149 15.51 12.77 6.37
C ALA C 149 16.73 13.05 5.50
N ASP C 150 17.91 12.57 5.92
CA ASP C 150 19.17 12.78 5.21
C ASP C 150 19.97 11.48 5.24
N ASP C 151 20.37 10.97 4.08
CA ASP C 151 21.09 9.71 4.04
C ASP C 151 22.56 9.84 4.43
N GLN C 152 22.99 11.02 4.85
CA GLN C 152 24.36 11.19 5.30
C GLN C 152 24.48 11.39 6.80
N VAL C 153 23.36 11.50 7.50
CA VAL C 153 23.36 11.52 8.96
C VAL C 153 23.76 10.17 9.55
N GLN C 154 23.43 9.05 8.87
CA GLN C 154 23.81 7.74 9.40
C GLN C 154 25.31 7.68 9.69
N TYR C 155 26.12 8.24 8.77
CA TYR C 155 27.57 8.28 8.90
C TYR C 155 28.05 8.97 10.17
N GLN C 156 27.21 9.76 10.82
CA GLN C 156 27.57 10.37 12.11
C GLN C 156 27.09 9.56 13.30
N ASN C 157 26.12 8.68 13.10
CA ASN C 157 25.79 7.68 14.10
C ASN C 157 26.67 6.44 13.85
N TRP C 158 27.97 6.65 14.09
CA TRP C 158 29.03 5.72 13.73
C TRP C 158 29.61 4.99 14.93
N THR C 159 30.38 3.93 14.65
CA THR C 159 31.18 3.26 15.67
C THR C 159 32.43 2.68 15.05
N SER C 160 33.49 2.64 15.87
CA SER C 160 34.73 1.97 15.57
C SER C 160 34.58 0.50 15.95
N MET C 161 35.51 -0.30 15.45
CA MET C 161 35.39 -1.72 15.77
C MET C 161 35.80 -2.03 17.21
N LYS C 162 36.73 -1.24 17.77
CA LYS C 162 37.05 -1.38 19.19
C LYS C 162 35.88 -0.93 20.05
N ALA C 163 35.25 0.17 19.69
CA ALA C 163 34.08 0.61 20.44
C ALA C 163 32.95 -0.40 20.33
N ALA C 164 32.75 -0.95 19.13
CA ALA C 164 31.70 -1.96 18.90
C ALA C 164 31.97 -3.24 19.70
N ALA C 165 33.23 -3.67 19.77
CA ALA C 165 33.55 -4.88 20.52
C ALA C 165 33.37 -4.67 22.02
N GLN C 166 33.53 -3.44 22.49
CA GLN C 166 33.44 -3.16 23.91
C GLN C 166 31.99 -3.14 24.38
N VAL C 167 31.09 -2.60 23.57
CA VAL C 167 29.67 -2.58 23.89
C VAL C 167 29.14 -4.00 24.12
N LEU C 168 29.50 -4.94 23.26
CA LEU C 168 29.10 -6.33 23.46
C LEU C 168 29.65 -6.90 24.77
N GLN C 169 30.87 -6.49 25.15
CA GLN C 169 31.47 -6.95 26.41
C GLN C 169 30.67 -6.45 27.61
N LYS C 170 30.34 -5.15 27.62
CA LYS C 170 29.53 -4.59 28.70
C LYS C 170 28.07 -5.04 28.56
N PHE C 171 27.70 -5.53 27.38
CA PHE C 171 26.39 -6.15 27.25
C PHE C 171 26.44 -7.58 27.74
N GLU C 172 27.50 -8.29 27.33
CA GLU C 172 27.61 -9.70 27.69
C GLU C 172 27.71 -9.87 29.20
N GLN C 173 28.56 -9.07 29.84
CA GLN C 173 28.90 -9.43 31.21
C GLN C 173 27.88 -8.94 32.22
N LYS C 174 26.79 -8.33 31.77
CA LYS C 174 25.62 -8.04 32.60
C LYS C 174 25.98 -7.17 33.81
N LYS C 175 27.05 -6.43 33.72
CA LYS C 175 27.48 -5.56 34.80
C LYS C 175 26.89 -4.17 34.68
N GLN C 176 26.06 -3.94 33.67
CA GLN C 176 25.50 -2.63 33.41
C GLN C 176 23.98 -2.57 33.52
N LEU C 177 23.33 -3.68 33.85
CA LEU C 177 21.87 -3.73 33.96
C LEU C 177 21.50 -4.64 35.12
N SER C 178 20.28 -4.49 35.63
CA SER C 178 19.85 -5.41 36.67
C SER C 178 19.74 -6.80 36.07
N GLU C 179 19.91 -7.80 36.93
CA GLU C 179 19.87 -9.18 36.44
C GLU C 179 18.55 -9.50 35.73
N THR C 180 17.43 -8.88 36.13
CA THR C 180 16.20 -9.08 35.38
C THR C 180 16.14 -8.18 34.16
N SER C 181 16.62 -6.93 34.28
CA SER C 181 16.77 -6.07 33.11
C SER C 181 17.76 -6.67 32.11
N GLN C 182 18.84 -7.30 32.61
CA GLN C 182 19.76 -7.97 31.71
C GLN C 182 19.07 -9.12 30.99
N ALA C 183 18.33 -9.95 31.74
CA ALA C 183 17.68 -11.12 31.19
C ALA C 183 16.66 -10.73 30.14
N LEU C 184 16.13 -9.53 30.24
CA LEU C 184 15.23 -9.05 29.19
C LEU C 184 16.01 -8.69 27.93
N LEU C 185 17.14 -7.97 28.07
CA LEU C 185 17.93 -7.56 26.90
C LEU C 185 18.48 -8.75 26.14
N TRP C 186 19.11 -9.68 26.86
CA TRP C 186 19.55 -10.94 26.23
C TRP C 186 18.41 -11.60 25.47
N LYS C 187 17.26 -11.78 26.12
CA LYS C 187 16.15 -12.51 25.51
C LYS C 187 15.72 -11.87 24.20
N TRP C 188 15.66 -10.54 24.14
CA TRP C 188 15.23 -9.89 22.91
C TRP C 188 16.22 -10.09 21.76
N MET C 189 17.51 -10.19 22.08
CA MET C 189 18.50 -10.22 21.01
C MET C 189 18.83 -11.63 20.53
N VAL C 190 18.28 -12.65 21.17
CA VAL C 190 18.37 -14.00 20.63
C VAL C 190 17.16 -14.31 19.76
N GLU C 191 15.95 -14.00 20.24
CA GLU C 191 14.74 -14.33 19.49
C GLU C 191 14.48 -13.42 18.31
N THR C 192 15.38 -12.48 18.01
CA THR C 192 15.23 -11.71 16.80
C THR C 192 15.25 -12.66 15.62
N THR C 193 14.48 -12.32 14.58
CA THR C 193 14.51 -13.06 13.33
C THR C 193 15.25 -12.35 12.21
N THR C 194 15.81 -11.16 12.48
CA THR C 194 16.50 -10.38 11.46
C THR C 194 17.85 -11.00 11.10
N GLY C 195 18.24 -10.80 9.85
CA GLY C 195 19.55 -11.16 9.34
C GLY C 195 19.93 -12.60 9.59
N PRO C 196 19.09 -13.54 9.14
CA PRO C 196 19.37 -14.96 9.42
C PRO C 196 20.60 -15.47 8.72
N GLN C 197 21.06 -14.77 7.68
CA GLN C 197 22.20 -15.16 6.86
C GLN C 197 23.41 -14.27 7.12
N ARG C 198 23.52 -13.73 8.33
CA ARG C 198 24.65 -12.88 8.72
C ARG C 198 25.54 -13.62 9.71
N LEU C 199 25.54 -13.25 10.99
CA LEU C 199 26.40 -13.95 11.94
C LEU C 199 26.04 -15.43 12.04
N LYS C 200 24.76 -15.80 11.84
CA LYS C 200 24.31 -17.19 11.96
C LYS C 200 24.37 -17.97 10.67
N GLY C 201 24.64 -17.31 9.55
CA GLY C 201 24.48 -17.90 8.21
C GLY C 201 25.21 -19.22 7.96
N LEU C 202 26.34 -19.45 8.60
CA LEU C 202 27.12 -20.68 8.42
C LEU C 202 27.49 -21.30 9.75
N LEU C 203 26.70 -21.10 10.73
CA LEU C 203 26.85 -21.80 12.01
C LEU C 203 25.85 -22.95 12.04
N PRO C 204 26.15 -24.06 12.73
CA PRO C 204 25.14 -25.12 12.87
C PRO C 204 23.86 -24.53 13.45
N ALA C 205 22.72 -25.09 13.04
CA ALA C 205 21.45 -24.52 13.46
C ALA C 205 21.33 -24.53 14.98
N GLY C 206 20.61 -23.53 15.51
CA GLY C 206 20.42 -23.48 16.94
C GLY C 206 21.63 -22.98 17.72
N THR C 207 22.68 -22.57 17.05
CA THR C 207 23.78 -21.93 17.74
C THR C 207 23.23 -20.64 18.31
N ILE C 208 23.21 -20.52 19.62
CA ILE C 208 22.58 -19.36 20.24
C ILE C 208 23.37 -18.11 19.91
N VAL C 209 22.72 -17.13 19.32
CA VAL C 209 23.36 -15.92 18.87
C VAL C 209 22.45 -14.78 19.25
N ALA C 210 22.87 -13.99 20.22
CA ALA C 210 22.24 -12.73 20.52
C ALA C 210 22.85 -11.69 19.60
N HIS C 211 22.01 -10.98 18.84
CA HIS C 211 22.58 -10.06 17.89
C HIS C 211 21.56 -9.01 17.51
N LYS C 212 22.07 -7.92 16.95
CA LYS C 212 21.26 -6.86 16.38
C LYS C 212 21.76 -6.61 14.98
N THR C 213 20.87 -6.70 14.01
CA THR C 213 21.29 -6.44 12.65
C THR C 213 21.25 -4.95 12.39
N GLY C 214 21.87 -4.52 11.31
CA GLY C 214 21.71 -3.14 10.93
C GLY C 214 21.76 -2.95 9.44
N THR C 215 20.82 -2.19 8.88
CA THR C 215 20.77 -2.09 7.42
C THR C 215 20.37 -0.70 6.98
N SER C 216 21.01 -0.27 5.90
CA SER C 216 20.79 1.00 5.22
C SER C 216 20.06 0.73 3.92
N GLY C 217 19.70 1.80 3.25
CA GLY C 217 19.24 1.69 1.89
C GLY C 217 20.40 1.44 0.93
N VAL C 218 20.03 1.15 -0.32
CA VAL C 218 20.97 0.95 -1.42
C VAL C 218 20.87 2.15 -2.35
N ARG C 219 21.99 2.82 -2.59
CA ARG C 219 22.02 4.03 -3.40
C ARG C 219 23.01 3.82 -4.53
N ALA C 220 22.54 4.00 -5.76
CA ALA C 220 23.38 3.84 -6.95
C ALA C 220 23.98 2.44 -6.97
N GLY C 221 23.25 1.50 -6.38
CA GLY C 221 23.74 0.16 -6.25
C GLY C 221 24.70 -0.02 -5.10
N LYS C 222 24.74 0.93 -4.16
CA LYS C 222 25.66 0.85 -3.03
C LYS C 222 24.88 0.88 -1.71
N THR C 223 25.28 0.01 -0.79
CA THR C 223 24.62 -0.16 0.48
C THR C 223 25.53 0.45 1.53
N ALA C 224 25.07 1.54 2.12
CA ALA C 224 25.89 2.30 3.06
C ALA C 224 26.35 1.43 4.22
N ALA C 225 25.46 0.57 4.72
CA ALA C 225 25.82 -0.20 5.91
C ALA C 225 25.10 -1.54 5.88
N THR C 226 25.84 -2.58 6.18
CA THR C 226 25.32 -3.93 6.34
C THR C 226 25.98 -4.45 7.61
N ASN C 227 25.26 -4.46 8.71
CA ASN C 227 25.85 -4.74 9.99
C ASN C 227 25.17 -5.92 10.65
N ASP C 228 25.96 -6.75 11.30
CA ASP C 228 25.40 -7.65 12.29
C ASP C 228 26.47 -7.79 13.37
N ALA C 229 26.11 -7.42 14.58
CA ALA C 229 26.97 -7.52 15.74
C ALA C 229 26.25 -8.39 16.74
N GLY C 230 26.99 -9.22 17.46
CA GLY C 230 26.32 -10.02 18.45
C GLY C 230 27.28 -10.85 19.26
N VAL C 231 26.70 -11.81 19.98
CA VAL C 231 27.42 -12.75 20.83
C VAL C 231 27.00 -14.16 20.44
N ILE C 232 27.99 -15.03 20.21
CA ILE C 232 27.81 -16.41 19.74
C ILE C 232 28.18 -17.33 20.89
N MET C 233 27.24 -18.17 21.33
CA MET C 233 27.50 -19.07 22.44
C MET C 233 28.16 -20.34 21.91
N LEU C 234 29.36 -20.62 22.39
CA LEU C 234 30.13 -21.77 21.97
C LEU C 234 29.64 -23.05 22.64
N PRO C 235 30.16 -24.22 22.23
CA PRO C 235 29.69 -25.46 22.86
C PRO C 235 29.88 -25.51 24.36
N ASP C 236 30.90 -24.86 24.90
CA ASP C 236 31.15 -24.86 26.34
C ASP C 236 30.46 -23.71 27.07
N GLY C 237 29.38 -23.18 26.50
CA GLY C 237 28.64 -22.11 27.12
C GLY C 237 29.44 -20.84 27.34
N ARG C 238 30.58 -20.70 26.67
CA ARG C 238 31.36 -19.48 26.78
C ARG C 238 31.07 -18.56 25.60
N PRO C 239 31.31 -17.27 25.75
CA PRO C 239 30.94 -16.33 24.68
C PRO C 239 32.03 -16.12 23.65
N LEU C 240 31.59 -15.79 22.44
CA LEU C 240 32.50 -15.30 21.40
C LEU C 240 31.80 -14.10 20.77
N LEU C 241 32.34 -12.91 21.01
CA LEU C 241 31.76 -11.66 20.55
C LEU C 241 32.26 -11.42 19.14
N VAL C 242 31.33 -11.37 18.18
CA VAL C 242 31.66 -11.14 16.79
C VAL C 242 30.87 -9.93 16.32
N ALA C 243 31.55 -9.00 15.64
CA ALA C 243 30.86 -7.91 14.95
C ALA C 243 31.52 -7.70 13.60
N VAL C 244 30.70 -7.54 12.56
CA VAL C 244 31.15 -7.28 11.19
C VAL C 244 30.26 -6.22 10.56
N PHE C 245 30.86 -5.14 10.09
CA PHE C 245 30.15 -3.98 9.54
C PHE C 245 30.66 -3.79 8.13
N VAL C 246 29.81 -3.98 7.13
CA VAL C 246 30.20 -3.82 5.74
C VAL C 246 29.79 -2.43 5.31
N LYS C 247 30.78 -1.58 5.10
CA LYS C 247 30.58 -0.14 4.93
C LYS C 247 30.69 0.20 3.46
N ASP C 248 29.77 1.03 2.99
CA ASP C 248 29.79 1.56 1.64
C ASP C 248 30.10 0.44 0.66
N SER C 249 29.21 -0.52 0.59
CA SER C 249 29.51 -1.72 -0.17
C SER C 249 28.94 -1.58 -1.58
N ALA C 250 29.80 -1.80 -2.58
CA ALA C 250 29.37 -1.85 -3.97
C ALA C 250 29.09 -3.28 -4.44
N GLU C 251 28.84 -4.21 -3.53
CA GLU C 251 28.57 -5.60 -3.85
C GLU C 251 27.10 -5.93 -3.63
N SER C 252 26.71 -7.15 -4.03
CA SER C 252 25.34 -7.60 -3.83
C SER C 252 25.05 -7.76 -2.33
N GLU C 253 23.77 -7.97 -2.01
CA GLU C 253 23.43 -8.26 -0.62
C GLU C 253 23.90 -9.65 -0.19
N ARG C 254 23.88 -10.62 -1.11
CA ARG C 254 24.48 -11.91 -0.81
C ARG C 254 25.94 -11.77 -0.41
N THR C 255 26.74 -11.03 -1.19
CA THR C 255 28.15 -10.85 -0.81
C THR C 255 28.26 -10.19 0.56
N ASN C 256 27.48 -9.13 0.80
CA ASN C 256 27.49 -8.46 2.09
C ASN C 256 27.11 -9.44 3.21
N GLU C 257 26.00 -10.17 3.04
CA GLU C 257 25.63 -11.23 3.96
C GLU C 257 26.59 -12.42 3.91
N ALA C 258 27.35 -12.58 2.82
CA ALA C 258 28.36 -13.63 2.79
C ALA C 258 29.59 -13.30 3.63
N ILE C 259 30.05 -12.05 3.59
CA ILE C 259 31.21 -11.63 4.40
C ILE C 259 30.94 -11.84 5.89
N ILE C 260 29.79 -11.36 6.36
CA ILE C 260 29.46 -11.41 7.79
C ILE C 260 29.36 -12.85 8.29
N ALA C 261 28.77 -13.75 7.49
CA ALA C 261 28.69 -15.15 7.90
C ALA C 261 30.06 -15.82 7.98
N GLN C 262 30.90 -15.66 6.92
CA GLN C 262 32.21 -16.33 6.83
C GLN C 262 33.11 -15.97 7.98
N VAL C 263 33.18 -14.69 8.33
CA VAL C 263 34.02 -14.24 9.44
C VAL C 263 33.52 -14.86 10.74
N ALA C 264 32.21 -14.82 10.94
CA ALA C 264 31.57 -15.49 12.09
C ALA C 264 31.88 -16.99 12.12
N GLN C 265 31.83 -17.64 10.94
CA GLN C 265 32.19 -19.06 10.87
C GLN C 265 33.67 -19.28 11.11
N ALA C 266 34.52 -18.40 10.58
CA ALA C 266 35.96 -18.58 10.79
C ALA C 266 36.33 -18.39 12.26
N ALA C 267 35.78 -17.36 12.92
CA ALA C 267 35.99 -17.18 14.36
C ALA C 267 35.38 -18.32 15.17
N TYR C 268 34.12 -18.65 14.89
CA TYR C 268 33.43 -19.74 15.59
C TYR C 268 34.24 -21.03 15.54
N GLN C 269 34.68 -21.46 14.34
CA GLN C 269 35.46 -22.69 14.23
C GLN C 269 36.81 -22.56 14.95
N PHE C 270 37.53 -21.45 14.75
CA PHE C 270 38.80 -21.25 15.46
C PHE C 270 38.63 -21.53 16.95
N GLU C 271 37.55 -20.98 17.55
CA GLU C 271 37.24 -21.24 18.95
C GLU C 271 37.06 -22.72 19.26
N LEU C 272 36.65 -23.52 18.26
CA LEU C 272 36.39 -24.93 18.55
C LEU C 272 37.70 -25.70 18.75
N LYS C 273 38.78 -25.28 18.10
CA LYS C 273 40.09 -25.88 18.29
C LYS C 273 41.06 -24.96 19.01
N LYS C 274 40.58 -23.81 19.52
CA LYS C 274 41.47 -22.92 20.26
C LYS C 274 41.86 -23.51 21.60
N LEU C 275 41.18 -24.58 22.02
CA LEU C 275 41.50 -25.32 23.24
C LEU C 275 42.79 -26.13 23.10
N LEU D 3 7.45 -3.33 -16.44
CA LEU D 3 6.14 -3.46 -15.80
C LEU D 3 5.50 -2.08 -15.69
N LEU D 4 6.32 -1.15 -15.17
CA LEU D 4 5.96 0.27 -15.21
C LEU D 4 5.83 0.75 -16.66
N LYS D 5 6.77 0.35 -17.52
CA LYS D 5 6.75 0.79 -18.92
C LYS D 5 5.44 0.42 -19.61
N GLU D 6 4.88 -0.73 -19.29
CA GLU D 6 3.63 -1.08 -19.94
C GLU D 6 2.51 -0.15 -19.49
N GLN D 7 2.33 0.02 -18.18
CA GLN D 7 1.20 0.85 -17.73
C GLN D 7 1.36 2.29 -18.14
N ILE D 8 2.54 2.69 -18.61
CA ILE D 8 2.65 4.01 -19.21
C ILE D 8 1.91 4.02 -20.55
N GLU D 9 1.90 2.89 -21.26
CA GLU D 9 1.18 2.84 -22.52
C GLU D 9 -0.34 2.73 -22.34
N THR D 10 -0.83 2.34 -21.16
CA THR D 10 -2.28 2.42 -20.91
C THR D 10 -2.75 3.84 -20.63
N ILE D 11 -1.87 4.74 -20.22
CA ILE D 11 -2.30 6.12 -20.05
C ILE D 11 -2.48 6.79 -21.41
N VAL D 12 -1.69 6.39 -22.40
CA VAL D 12 -1.62 7.13 -23.65
C VAL D 12 -2.23 6.42 -24.86
N THR D 13 -2.44 5.10 -24.80
CA THR D 13 -3.06 4.39 -25.91
C THR D 13 -4.44 4.95 -26.22
N GLY D 14 -4.68 5.27 -27.49
CA GLY D 14 -5.96 5.76 -27.92
C GLY D 14 -6.17 7.25 -27.79
N LYS D 15 -5.33 7.93 -27.01
CA LYS D 15 -5.45 9.38 -26.80
C LYS D 15 -4.87 10.16 -27.98
N LYS D 16 -5.66 11.10 -28.53
CA LYS D 16 -5.27 11.82 -29.75
C LYS D 16 -4.16 12.83 -29.46
N ALA D 17 -2.94 12.31 -29.32
CA ALA D 17 -1.79 13.15 -29.01
C ALA D 17 -0.56 12.28 -29.14
N THR D 18 0.58 12.94 -29.33
CA THR D 18 1.87 12.29 -29.30
C THR D 18 2.46 12.54 -27.91
N VAL D 19 2.58 11.50 -27.11
CA VAL D 19 2.99 11.66 -25.72
C VAL D 19 4.39 11.13 -25.53
N GLY D 20 5.32 12.03 -25.21
CA GLY D 20 6.68 11.68 -24.87
C GLY D 20 6.91 11.68 -23.37
N VAL D 21 7.61 10.66 -22.89
CA VAL D 21 7.80 10.46 -21.48
C VAL D 21 9.23 10.07 -21.22
N ALA D 22 9.79 10.59 -20.14
CA ALA D 22 11.04 10.10 -19.57
C ALA D 22 10.84 10.02 -18.07
N VAL D 23 11.24 8.91 -17.45
CA VAL D 23 11.31 8.84 -15.99
C VAL D 23 12.63 8.17 -15.60
N TRP D 24 13.32 8.77 -14.62
CA TRP D 24 14.67 8.36 -14.18
C TRP D 24 14.69 8.23 -12.66
N GLY D 25 14.56 7.00 -12.16
CA GLY D 25 14.59 6.74 -10.75
C GLY D 25 15.94 7.04 -10.10
N PRO D 26 16.03 6.88 -8.78
CA PRO D 26 17.31 7.05 -8.10
C PRO D 26 18.26 5.88 -8.26
N ASP D 27 17.78 4.72 -8.73
CA ASP D 27 18.59 3.53 -8.94
C ASP D 27 18.64 3.03 -10.38
N ASP D 28 18.18 3.83 -11.37
CA ASP D 28 18.31 3.45 -12.79
C ASP D 28 19.54 4.10 -13.43
N LEU D 29 20.23 3.34 -14.30
CA LEU D 29 21.41 3.78 -15.05
C LEU D 29 21.07 4.47 -16.38
N GLU D 30 19.88 4.24 -16.91
CA GLU D 30 19.35 4.80 -18.15
C GLU D 30 17.98 5.39 -17.88
N PRO D 31 17.60 6.43 -18.58
CA PRO D 31 16.22 6.91 -18.44
C PRO D 31 15.29 5.90 -19.07
N LEU D 32 14.11 5.71 -18.47
CA LEU D 32 13.01 5.06 -19.19
C LEU D 32 12.35 6.06 -20.13
N LEU D 33 12.29 5.72 -21.43
CA LEU D 33 11.75 6.59 -22.48
C LEU D 33 10.62 5.92 -23.25
N LEU D 34 9.66 6.76 -23.65
CA LEU D 34 8.63 6.41 -24.62
C LEU D 34 8.74 7.42 -25.76
N ASN D 35 8.63 6.93 -26.99
CA ASN D 35 8.71 7.80 -28.18
C ASN D 35 10.00 8.61 -28.18
N PRO D 36 11.18 7.97 -28.26
CA PRO D 36 12.43 8.71 -28.20
C PRO D 36 12.91 9.31 -29.51
N PHE D 37 12.33 8.96 -30.66
CA PHE D 37 12.82 9.57 -31.89
C PHE D 37 12.08 10.85 -32.22
N GLU D 38 11.25 11.36 -31.31
CA GLU D 38 10.40 12.50 -31.64
C GLU D 38 10.88 13.80 -30.98
N LYS D 39 10.55 14.92 -31.64
CA LYS D 39 10.98 16.26 -31.26
C LYS D 39 9.82 17.06 -30.71
N PHE D 40 9.93 17.44 -29.42
CA PHE D 40 8.83 17.96 -28.64
C PHE D 40 8.97 19.46 -28.44
N PRO D 41 8.06 20.31 -28.91
CA PRO D 41 8.17 21.73 -28.56
C PRO D 41 8.16 21.90 -27.04
N MET D 42 9.08 22.72 -26.55
CA MET D 42 9.30 22.83 -25.13
C MET D 42 8.38 23.85 -24.49
N GLN D 43 7.93 24.84 -25.28
CA GLN D 43 7.18 25.98 -24.75
C GLN D 43 8.03 26.53 -23.59
N SER D 44 7.41 26.78 -22.44
CA SER D 44 8.14 27.41 -21.34
C SER D 44 9.01 26.45 -20.56
N VAL D 45 9.21 25.21 -21.03
CA VAL D 45 10.12 24.35 -20.28
C VAL D 45 11.53 24.90 -20.31
N PHE D 46 11.95 25.41 -21.47
CA PHE D 46 13.32 25.87 -21.65
C PHE D 46 13.65 27.12 -20.84
N LYS D 47 12.67 27.74 -20.16
CA LYS D 47 12.99 28.80 -19.21
C LYS D 47 13.76 28.26 -18.02
N LEU D 48 13.75 26.94 -17.81
CA LEU D 48 14.70 26.35 -16.88
C LEU D 48 16.11 26.35 -17.48
N HIS D 49 16.25 25.87 -18.73
CA HIS D 49 17.57 25.82 -19.34
C HIS D 49 18.19 27.20 -19.36
N LEU D 50 17.43 28.19 -19.83
CA LEU D 50 17.88 29.57 -19.81
C LEU D 50 18.38 29.98 -18.43
N ALA D 51 17.63 29.66 -17.39
CA ALA D 51 18.00 30.08 -16.04
C ALA D 51 19.38 29.55 -15.67
N MET D 52 19.68 28.30 -16.05
CA MET D 52 20.96 27.72 -15.67
C MET D 52 22.14 28.48 -16.30
N LEU D 53 22.05 28.78 -17.60
CA LEU D 53 23.09 29.56 -18.25
C LEU D 53 23.30 30.89 -17.54
N VAL D 54 22.20 31.64 -17.33
CA VAL D 54 22.30 32.94 -16.66
C VAL D 54 23.13 32.79 -15.40
N LEU D 55 22.78 31.78 -14.60
CA LEU D 55 23.45 31.44 -13.35
C LEU D 55 24.78 30.72 -13.58
N HIS D 56 25.07 30.28 -14.80
CA HIS D 56 26.42 29.86 -15.14
C HIS D 56 27.26 31.06 -15.53
N GLN D 57 26.64 32.00 -16.25
CA GLN D 57 27.23 33.32 -16.45
C GLN D 57 27.22 34.16 -15.17
N VAL D 58 26.23 33.98 -14.29
CA VAL D 58 26.27 34.65 -12.99
C VAL D 58 27.34 34.01 -12.11
N ASP D 59 27.46 32.67 -12.16
CA ASP D 59 28.46 31.96 -11.38
C ASP D 59 29.88 32.32 -11.81
N GLN D 60 30.08 32.63 -13.09
CA GLN D 60 31.37 33.05 -13.61
C GLN D 60 31.55 34.56 -13.58
N GLY D 61 30.66 35.28 -12.89
CA GLY D 61 30.83 36.71 -12.74
C GLY D 61 30.63 37.48 -14.01
N LYS D 62 30.22 36.82 -15.09
CA LYS D 62 29.87 37.57 -16.30
C LYS D 62 28.67 38.46 -16.03
N LEU D 63 27.76 38.02 -15.17
CA LEU D 63 26.71 38.83 -14.60
C LEU D 63 26.61 38.51 -13.12
N ASP D 64 25.80 39.30 -12.41
CA ASP D 64 25.58 39.17 -10.97
C ASP D 64 24.10 39.33 -10.71
N LEU D 65 23.63 38.63 -9.68
CA LEU D 65 22.20 38.51 -9.39
C LEU D 65 21.53 39.87 -9.16
N ASN D 66 22.16 40.82 -8.44
CA ASN D 66 21.52 42.10 -8.11
C ASN D 66 21.83 43.23 -9.09
N GLN D 67 22.59 42.95 -10.13
CA GLN D 67 22.76 43.83 -11.28
C GLN D 67 21.44 44.38 -11.77
N SER D 68 21.36 45.69 -11.91
CA SER D 68 20.10 46.29 -12.34
C SER D 68 19.80 46.01 -13.81
N VAL D 69 18.53 45.85 -14.12
CA VAL D 69 18.04 45.76 -15.48
C VAL D 69 16.88 46.72 -15.63
N THR D 70 16.87 47.50 -16.70
CA THR D 70 15.72 48.34 -16.98
C THR D 70 14.74 47.58 -17.87
N VAL D 71 13.45 47.86 -17.69
CA VAL D 71 12.37 47.20 -18.41
C VAL D 71 11.49 48.32 -18.93
N ASN D 72 11.39 48.44 -20.24
CA ASN D 72 10.53 49.45 -20.82
C ASN D 72 9.19 48.82 -21.16
N ARG D 73 8.12 49.33 -20.52
CA ARG D 73 6.79 48.79 -20.74
C ARG D 73 6.35 48.95 -22.19
N ALA D 74 6.68 50.08 -22.82
CA ALA D 74 6.31 50.25 -24.21
C ALA D 74 6.99 49.23 -25.10
N ALA D 75 8.31 49.10 -24.96
CA ALA D 75 9.17 48.45 -25.94
C ALA D 75 9.40 46.96 -25.69
N VAL D 76 8.91 46.39 -24.59
CA VAL D 76 8.92 44.93 -24.52
C VAL D 76 7.74 44.41 -25.34
N LEU D 77 7.82 43.16 -25.78
CA LEU D 77 6.65 42.60 -26.45
C LEU D 77 5.50 42.64 -25.46
N GLN D 78 4.30 42.92 -25.95
CA GLN D 78 3.17 43.04 -25.02
C GLN D 78 1.93 42.40 -25.59
N ASN D 79 1.79 41.11 -25.36
CA ASN D 79 0.44 40.61 -25.28
C ASN D 79 0.40 39.50 -24.24
N THR D 80 1.38 38.59 -24.24
CA THR D 80 1.38 37.63 -23.15
C THR D 80 1.63 38.41 -21.87
N TRP D 81 0.76 38.12 -20.95
CA TRP D 81 0.58 38.62 -19.62
C TRP D 81 1.53 37.97 -18.61
N SER D 82 1.94 38.81 -17.68
CA SER D 82 3.31 38.84 -17.18
C SER D 82 3.20 39.46 -15.79
N PRO D 83 3.33 38.65 -14.75
CA PRO D 83 3.23 39.20 -13.39
C PRO D 83 4.05 40.47 -13.18
N MET D 84 5.16 40.62 -13.89
CA MET D 84 5.97 41.82 -13.77
C MET D 84 5.17 43.05 -14.22
N MET D 85 4.55 42.97 -15.39
CA MET D 85 3.88 44.18 -15.88
C MET D 85 2.65 44.60 -15.06
N LYS D 86 2.21 43.85 -14.03
CA LYS D 86 1.21 44.42 -13.13
C LYS D 86 1.80 44.83 -11.79
N ASP D 87 2.78 44.09 -11.28
CA ASP D 87 3.33 44.38 -9.96
C ASP D 87 4.22 45.62 -9.97
N HIS D 88 4.07 46.47 -11.00
CA HIS D 88 4.83 47.70 -11.18
C HIS D 88 4.01 48.62 -12.09
N GLN D 89 4.10 49.93 -11.85
CA GLN D 89 3.43 50.91 -12.68
C GLN D 89 4.40 52.00 -13.14
N GLY D 90 3.97 52.75 -14.17
CA GLY D 90 4.78 53.82 -14.70
C GLY D 90 5.67 53.30 -15.80
N ASP D 91 5.40 53.73 -17.04
CA ASP D 91 5.99 53.27 -18.30
C ASP D 91 7.36 52.59 -18.28
N GLU D 92 8.10 52.69 -17.18
CA GLU D 92 9.44 52.11 -17.10
C GLU D 92 9.84 51.97 -15.63
N PHE D 93 10.43 50.82 -15.30
CA PHE D 93 10.74 50.50 -13.92
C PHE D 93 11.97 49.60 -13.90
N THR D 94 12.51 49.41 -12.71
CA THR D 94 13.72 48.63 -12.54
C THR D 94 13.41 47.27 -11.95
N VAL D 95 14.08 46.25 -12.48
CA VAL D 95 13.98 44.88 -12.02
C VAL D 95 15.37 44.28 -11.99
N ALA D 96 15.67 43.55 -10.92
CA ALA D 96 16.97 42.89 -10.75
C ALA D 96 17.15 41.72 -11.72
N VAL D 97 18.38 41.22 -11.80
CA VAL D 97 18.63 39.99 -12.54
C VAL D 97 18.04 38.79 -11.82
N GLN D 98 18.22 38.71 -10.49
CA GLN D 98 17.53 37.69 -9.70
C GLN D 98 16.04 37.74 -9.96
N GLN D 99 15.45 38.94 -9.95
CA GLN D 99 14.01 39.02 -10.11
C GLN D 99 13.58 38.62 -11.51
N LEU D 100 14.35 38.99 -12.54
CA LEU D 100 13.98 38.51 -13.87
C LEU D 100 14.17 37.01 -13.96
N LEU D 101 15.04 36.44 -13.13
CA LEU D 101 15.19 34.99 -13.10
C LEU D 101 13.95 34.34 -12.51
N GLN D 102 13.56 34.76 -11.29
CA GLN D 102 12.41 34.15 -10.63
C GLN D 102 11.13 34.40 -11.42
N TYR D 103 10.95 35.59 -11.97
CA TYR D 103 9.77 35.80 -12.80
C TYR D 103 9.73 34.79 -13.94
N SER D 104 10.89 34.50 -14.53
CA SER D 104 10.90 33.63 -15.70
C SER D 104 10.81 32.15 -15.28
N VAL D 105 11.28 31.81 -14.09
CA VAL D 105 11.29 30.41 -13.65
C VAL D 105 9.99 30.01 -12.96
N SER D 106 9.60 30.73 -11.92
CA SER D 106 8.43 30.31 -11.15
C SER D 106 7.13 30.75 -11.80
N HIS D 107 7.03 32.01 -12.18
CA HIS D 107 5.78 32.56 -12.70
C HIS D 107 5.71 32.50 -14.20
N SER D 108 6.68 31.84 -14.82
CA SER D 108 6.71 31.59 -16.26
C SER D 108 6.55 32.90 -17.01
N ASP D 109 7.24 33.94 -16.54
CA ASP D 109 7.13 35.25 -17.14
C ASP D 109 7.87 35.21 -18.46
N ASN D 110 7.16 35.46 -19.55
CA ASN D 110 7.82 35.43 -20.85
C ASN D 110 8.45 36.76 -21.23
N VAL D 111 8.13 37.84 -20.52
CA VAL D 111 8.88 39.08 -20.70
C VAL D 111 10.20 39.01 -19.94
N ALA D 112 10.16 38.57 -18.68
CA ALA D 112 11.40 38.34 -17.94
C ALA D 112 12.34 37.40 -18.69
N CYS D 113 11.79 36.40 -19.39
CA CYS D 113 12.63 35.50 -20.17
C CYS D 113 13.39 36.25 -21.25
N ASP D 114 12.67 37.02 -22.08
CA ASP D 114 13.31 37.66 -23.22
C ASP D 114 14.28 38.78 -22.82
N LEU D 115 14.03 39.50 -21.72
CA LEU D 115 15.05 40.41 -21.22
C LEU D 115 16.27 39.64 -20.73
N LEU D 116 16.05 38.51 -20.07
CA LEU D 116 17.19 37.66 -19.72
C LEU D 116 17.91 37.13 -20.95
N PHE D 117 17.23 37.05 -22.10
CA PHE D 117 17.93 36.66 -23.32
C PHE D 117 18.85 37.77 -23.80
N GLU D 118 18.46 39.03 -23.57
CA GLU D 118 19.33 40.14 -23.90
C GLU D 118 20.59 40.17 -23.04
N LEU D 119 20.43 40.14 -21.72
CA LEU D 119 21.61 40.20 -20.86
C LEU D 119 22.51 38.97 -21.06
N VAL D 120 21.99 37.89 -21.64
CA VAL D 120 22.72 36.62 -21.78
C VAL D 120 23.27 36.36 -23.17
N GLY D 121 22.77 37.01 -24.20
CA GLY D 121 23.20 36.77 -25.55
C GLY D 121 22.26 35.95 -26.42
N GLY D 122 20.95 35.90 -26.08
CA GLY D 122 19.94 35.42 -27.00
C GLY D 122 19.83 33.91 -27.19
N PRO D 123 18.89 33.49 -28.05
CA PRO D 123 18.65 32.05 -28.27
C PRO D 123 19.92 31.24 -28.54
N GLN D 124 20.86 31.82 -29.31
CA GLN D 124 22.04 31.06 -29.71
C GLN D 124 23.00 30.82 -28.56
N ALA D 125 23.07 31.77 -27.61
CA ALA D 125 23.89 31.58 -26.43
C ALA D 125 23.33 30.49 -25.53
N LEU D 126 22.00 30.45 -25.40
CA LEU D 126 21.39 29.36 -24.63
C LEU D 126 21.68 28.01 -25.28
N HIS D 127 21.43 27.91 -26.59
CA HIS D 127 21.76 26.71 -27.35
C HIS D 127 23.16 26.19 -27.04
N ALA D 128 24.19 27.02 -27.23
CA ALA D 128 25.56 26.52 -27.06
C ALA D 128 25.80 25.97 -25.66
N TYR D 129 25.16 26.57 -24.65
CA TYR D 129 25.35 26.08 -23.28
C TYR D 129 24.77 24.69 -23.12
N ILE D 130 23.77 24.37 -23.94
CA ILE D 130 23.09 23.08 -23.82
C ILE D 130 23.91 21.97 -24.46
N GLN D 131 24.42 22.20 -25.68
CA GLN D 131 25.37 21.25 -26.26
C GLN D 131 26.60 21.10 -25.38
N SER D 132 26.90 22.16 -24.60
CA SER D 132 28.10 22.21 -23.79
C SER D 132 28.04 21.29 -22.59
N LEU D 133 26.85 20.94 -22.10
CA LEU D 133 26.77 20.06 -20.94
C LEU D 133 26.88 18.60 -21.30
N GLY D 134 26.90 18.27 -22.58
CA GLY D 134 26.89 16.88 -22.99
C GLY D 134 25.55 16.39 -23.50
N VAL D 135 24.53 17.23 -23.50
CA VAL D 135 23.22 16.87 -24.03
C VAL D 135 23.20 17.35 -25.48
N LYS D 136 23.03 16.40 -26.40
CA LYS D 136 23.15 16.67 -27.82
C LYS D 136 21.83 16.80 -28.58
N GLU D 137 20.80 15.99 -28.28
CA GLU D 137 19.54 16.02 -29.05
C GLU D 137 18.59 17.07 -28.46
N ALA D 138 18.98 18.34 -28.62
CA ALA D 138 18.20 19.51 -28.19
C ALA D 138 18.52 20.69 -29.10
N ALA D 139 17.58 21.66 -29.16
CA ALA D 139 17.73 22.87 -29.96
C ALA D 139 17.09 24.07 -29.28
N VAL D 140 17.77 25.23 -29.31
CA VAL D 140 17.19 26.49 -28.86
C VAL D 140 17.49 27.53 -29.95
N VAL D 141 16.50 27.84 -30.78
CA VAL D 141 16.70 28.73 -31.91
C VAL D 141 15.92 30.03 -31.81
N ALA D 142 14.96 30.15 -30.88
CA ALA D 142 14.09 31.33 -30.87
C ALA D 142 13.74 31.74 -29.44
N ASN D 143 13.31 33.00 -29.31
CA ASN D 143 12.93 33.62 -28.06
C ASN D 143 11.41 33.83 -28.03
N GLU D 144 10.93 34.36 -26.89
CA GLU D 144 9.49 34.45 -26.67
C GLU D 144 8.84 35.49 -27.58
N ALA D 145 9.55 36.54 -27.94
CA ALA D 145 8.96 37.48 -28.89
C ALA D 145 8.89 36.86 -30.28
N GLN D 146 9.93 36.14 -30.69
CA GLN D 146 9.85 35.48 -31.98
C GLN D 146 8.89 34.32 -31.92
N MET D 147 8.69 33.71 -30.74
CA MET D 147 7.67 32.69 -30.59
C MET D 147 6.26 33.28 -30.75
N HIS D 148 6.03 34.49 -30.24
CA HIS D 148 4.72 35.12 -30.45
C HIS D 148 4.49 35.54 -31.90
N ALA D 149 5.54 35.60 -32.73
CA ALA D 149 5.41 36.04 -34.12
C ALA D 149 4.77 34.98 -35.02
N ASP D 150 5.09 33.70 -34.80
CA ASP D 150 4.52 32.62 -35.60
C ASP D 150 4.20 31.49 -34.65
N ASP D 151 2.97 30.95 -34.75
CA ASP D 151 2.60 29.87 -33.84
C ASP D 151 3.37 28.60 -34.14
N GLN D 152 4.30 28.64 -35.10
CA GLN D 152 5.06 27.44 -35.43
C GLN D 152 6.50 27.50 -34.99
N VAL D 153 6.94 28.63 -34.43
CA VAL D 153 8.30 28.75 -33.94
C VAL D 153 8.57 27.75 -32.81
N GLN D 154 7.53 27.38 -32.07
CA GLN D 154 7.71 26.49 -30.93
C GLN D 154 8.35 25.17 -31.31
N TYR D 155 7.91 24.55 -32.42
CA TYR D 155 8.47 23.26 -32.82
C TYR D 155 9.98 23.30 -33.09
N GLN D 156 10.58 24.48 -33.20
CA GLN D 156 12.01 24.56 -33.44
C GLN D 156 12.80 24.69 -32.15
N ASN D 157 12.15 25.11 -31.05
CA ASN D 157 12.70 24.96 -29.72
C ASN D 157 12.25 23.62 -29.14
N TRP D 158 12.83 22.54 -29.67
CA TRP D 158 12.39 21.19 -29.34
C TRP D 158 13.39 20.51 -28.39
N THR D 159 12.95 19.39 -27.80
CA THR D 159 13.84 18.53 -27.02
C THR D 159 13.38 17.09 -27.15
N SER D 160 14.34 16.19 -27.15
CA SER D 160 13.99 14.78 -27.10
C SER D 160 13.82 14.35 -25.65
N MET D 161 13.29 13.16 -25.45
CA MET D 161 13.19 12.68 -24.08
C MET D 161 14.57 12.37 -23.53
N LYS D 162 15.53 12.04 -24.39
CA LYS D 162 16.89 11.83 -23.94
C LYS D 162 17.51 13.14 -23.46
N ALA D 163 17.26 14.23 -24.19
CA ALA D 163 17.76 15.54 -23.78
C ALA D 163 17.07 16.04 -22.53
N ALA D 164 15.76 15.81 -22.43
CA ALA D 164 15.03 16.27 -21.26
C ALA D 164 15.51 15.60 -19.98
N ALA D 165 15.75 14.28 -20.02
CA ALA D 165 16.14 13.59 -18.78
C ALA D 165 17.52 14.06 -18.34
N GLN D 166 18.36 14.44 -19.28
CA GLN D 166 19.69 14.87 -18.88
C GLN D 166 19.63 16.27 -18.30
N VAL D 167 18.82 17.16 -18.91
CA VAL D 167 18.69 18.49 -18.35
C VAL D 167 18.29 18.40 -16.90
N LEU D 168 17.31 17.57 -16.59
CA LEU D 168 16.91 17.40 -15.20
C LEU D 168 18.06 16.79 -14.38
N GLN D 169 18.84 15.89 -14.97
CA GLN D 169 19.93 15.26 -14.23
C GLN D 169 20.96 16.29 -13.77
N LYS D 170 21.41 17.15 -14.68
CA LYS D 170 22.37 18.16 -14.27
C LYS D 170 21.74 19.28 -13.42
N PHE D 171 20.42 19.39 -13.37
CA PHE D 171 19.82 20.37 -12.48
C PHE D 171 19.71 19.83 -11.05
N GLU D 172 19.31 18.58 -10.89
CA GLU D 172 19.22 18.00 -9.56
C GLU D 172 20.60 17.93 -8.90
N GLN D 173 21.61 17.48 -9.66
CA GLN D 173 22.85 17.03 -9.07
C GLN D 173 23.86 18.13 -8.78
N LYS D 174 23.52 19.40 -9.02
CA LYS D 174 24.28 20.53 -8.49
C LYS D 174 25.76 20.47 -8.89
N LYS D 175 26.04 19.82 -10.01
CA LYS D 175 27.40 19.80 -10.54
C LYS D 175 27.65 20.93 -11.53
N GLN D 176 26.67 21.79 -11.76
CA GLN D 176 26.83 22.88 -12.73
C GLN D 176 26.57 24.27 -12.13
N LEU D 177 26.32 24.38 -10.83
CA LEU D 177 26.06 25.66 -10.20
C LEU D 177 26.69 25.70 -8.82
N SER D 178 26.95 26.92 -8.33
CA SER D 178 27.41 27.08 -6.95
C SER D 178 26.29 26.70 -5.98
N GLU D 179 26.68 26.30 -4.78
CA GLU D 179 25.71 25.82 -3.80
C GLU D 179 24.59 26.83 -3.54
N THR D 180 24.93 28.13 -3.61
CA THR D 180 23.95 29.19 -3.41
C THR D 180 23.10 29.42 -4.66
N SER D 181 23.71 29.34 -5.84
CA SER D 181 22.93 29.33 -7.07
C SER D 181 22.00 28.13 -7.12
N GLN D 182 22.46 26.98 -6.61
CA GLN D 182 21.60 25.80 -6.65
C GLN D 182 20.32 26.03 -5.90
N ALA D 183 20.42 26.45 -4.63
CA ALA D 183 19.24 26.58 -3.80
C ALA D 183 18.30 27.67 -4.29
N LEU D 184 18.80 28.70 -4.96
CA LEU D 184 17.92 29.74 -5.51
C LEU D 184 17.10 29.21 -6.68
N LEU D 185 17.76 28.56 -7.64
CA LEU D 185 17.04 27.95 -8.76
C LEU D 185 16.13 26.85 -8.27
N TRP D 186 16.65 25.99 -7.38
CA TRP D 186 15.82 25.02 -6.71
C TRP D 186 14.62 25.68 -6.07
N LYS D 187 14.87 26.71 -5.30
CA LYS D 187 13.76 27.29 -4.58
C LYS D 187 12.74 27.93 -5.53
N TRP D 188 13.20 28.55 -6.62
CA TRP D 188 12.24 29.12 -7.55
C TRP D 188 11.35 28.05 -8.17
N MET D 189 11.86 26.82 -8.34
CA MET D 189 11.11 25.80 -9.05
C MET D 189 10.25 24.91 -8.16
N VAL D 190 10.31 25.07 -6.84
CA VAL D 190 9.36 24.40 -5.97
C VAL D 190 8.16 25.29 -5.66
N GLU D 191 8.38 26.59 -5.38
CA GLU D 191 7.30 27.52 -5.06
C GLU D 191 6.50 27.93 -6.29
N THR D 192 6.77 27.34 -7.45
CA THR D 192 5.92 27.59 -8.60
C THR D 192 4.49 27.17 -8.27
N THR D 193 3.52 27.88 -8.83
CA THR D 193 2.13 27.47 -8.73
C THR D 193 1.60 26.90 -10.04
N THR D 194 2.38 26.92 -11.12
CA THR D 194 1.86 26.49 -12.40
C THR D 194 1.63 24.98 -12.43
N GLY D 195 0.59 24.60 -13.16
CA GLY D 195 0.31 23.22 -13.39
C GLY D 195 0.20 22.44 -12.11
N PRO D 196 -0.71 22.84 -11.22
CA PRO D 196 -0.89 22.02 -10.02
C PRO D 196 -1.43 20.67 -10.37
N GLN D 197 -2.04 20.55 -11.54
CA GLN D 197 -2.71 19.34 -11.98
C GLN D 197 -1.85 18.56 -12.94
N ARG D 198 -0.53 18.77 -12.92
CA ARG D 198 0.36 18.09 -13.83
C ARG D 198 1.22 17.07 -13.12
N LEU D 199 2.51 17.33 -12.99
CA LEU D 199 3.35 16.32 -12.35
C LEU D 199 2.86 16.01 -10.95
N LYS D 200 2.34 17.03 -10.24
CA LYS D 200 1.89 16.88 -8.87
C LYS D 200 0.41 16.54 -8.79
N GLY D 201 -0.30 16.59 -9.91
CA GLY D 201 -1.75 16.52 -9.85
C GLY D 201 -2.27 15.32 -9.12
N LEU D 202 -1.55 14.20 -9.19
CA LEU D 202 -1.96 12.98 -8.50
C LEU D 202 -0.89 12.48 -7.53
N LEU D 203 -0.07 13.40 -7.00
CA LEU D 203 0.88 13.01 -5.98
C LEU D 203 0.34 13.39 -4.61
N PRO D 204 0.69 12.67 -3.53
CA PRO D 204 0.19 13.04 -2.21
C PRO D 204 0.47 14.50 -1.96
N ALA D 205 -0.41 15.12 -1.18
CA ALA D 205 -0.35 16.55 -0.94
C ALA D 205 0.93 16.93 -0.22
N GLY D 206 1.44 18.11 -0.56
CA GLY D 206 2.62 18.58 0.12
C GLY D 206 3.90 17.91 -0.30
N THR D 207 3.85 17.02 -1.29
CA THR D 207 5.05 16.42 -1.84
C THR D 207 5.88 17.48 -2.55
N ILE D 208 7.12 17.66 -2.08
CA ILE D 208 8.00 18.64 -2.69
C ILE D 208 8.29 18.20 -4.12
N VAL D 209 8.02 19.09 -5.07
CA VAL D 209 8.31 18.86 -6.48
C VAL D 209 8.76 20.19 -7.07
N ALA D 210 10.03 20.28 -7.44
CA ALA D 210 10.51 21.35 -8.30
C ALA D 210 10.28 20.96 -9.75
N HIS D 211 9.62 21.83 -10.51
CA HIS D 211 9.22 21.51 -11.87
C HIS D 211 9.00 22.81 -12.63
N LYS D 212 8.96 22.69 -13.95
CA LYS D 212 8.63 23.81 -14.84
C LYS D 212 7.62 23.33 -15.86
N THR D 213 6.47 23.98 -15.93
CA THR D 213 5.52 23.59 -16.95
C THR D 213 5.85 24.32 -18.25
N GLY D 214 5.25 23.82 -19.33
CA GLY D 214 5.30 24.46 -20.63
C GLY D 214 3.97 24.21 -21.31
N THR D 215 3.36 25.25 -21.85
CA THR D 215 2.02 25.16 -22.36
C THR D 215 1.85 26.08 -23.56
N SER D 216 1.10 25.61 -24.55
CA SER D 216 0.83 26.40 -25.73
C SER D 216 -0.62 26.85 -25.77
N GLY D 217 -0.90 27.81 -26.64
CA GLY D 217 -2.27 28.17 -26.91
C GLY D 217 -2.91 27.06 -27.68
N VAL D 218 -4.21 27.18 -27.91
CA VAL D 218 -4.92 26.18 -28.70
C VAL D 218 -5.27 26.79 -30.05
N ARG D 219 -4.97 26.05 -31.11
CA ARG D 219 -5.20 26.50 -32.47
C ARG D 219 -6.10 25.46 -33.16
N ALA D 220 -7.22 25.91 -33.70
CA ALA D 220 -8.11 25.04 -34.47
C ALA D 220 -8.50 23.81 -33.65
N GLY D 221 -8.56 24.01 -32.34
CA GLY D 221 -8.91 22.91 -31.48
C GLY D 221 -7.79 21.96 -31.18
N LYS D 222 -6.54 22.36 -31.40
CA LYS D 222 -5.39 21.52 -31.10
C LYS D 222 -4.48 22.24 -30.13
N THR D 223 -3.84 21.47 -29.26
CA THR D 223 -2.83 22.02 -28.37
C THR D 223 -1.49 21.44 -28.80
N ALA D 224 -0.62 22.31 -29.33
CA ALA D 224 0.66 21.83 -29.82
C ALA D 224 1.44 21.12 -28.71
N ALA D 225 1.52 21.73 -27.53
CA ALA D 225 2.36 21.20 -26.48
C ALA D 225 1.76 21.55 -25.14
N THR D 226 1.72 20.56 -24.24
CA THR D 226 1.28 20.73 -22.86
C THR D 226 2.30 20.00 -22.00
N ASN D 227 3.25 20.74 -21.46
CA ASN D 227 4.48 20.14 -20.95
C ASN D 227 4.65 20.42 -19.47
N ASP D 228 5.14 19.42 -18.75
CA ASP D 228 5.63 19.65 -17.41
C ASP D 228 6.76 18.66 -17.15
N ALA D 229 7.95 19.20 -16.85
CA ALA D 229 9.16 18.45 -16.58
C ALA D 229 9.67 18.83 -15.21
N GLY D 230 10.20 17.88 -14.47
CA GLY D 230 10.70 18.22 -13.16
C GLY D 230 11.32 17.04 -12.46
N VAL D 231 11.51 17.22 -11.17
CA VAL D 231 12.05 16.19 -10.30
C VAL D 231 11.08 16.04 -9.12
N ILE D 232 10.77 14.78 -8.79
CA ILE D 232 9.78 14.46 -7.77
C ILE D 232 10.56 13.89 -6.59
N MET D 233 10.53 14.58 -5.47
CA MET D 233 11.33 14.21 -4.33
C MET D 233 10.61 13.08 -3.60
N LEU D 234 11.28 11.97 -3.44
CA LEU D 234 10.74 10.76 -2.82
C LEU D 234 10.68 10.88 -1.30
N PRO D 235 10.06 9.91 -0.63
CA PRO D 235 9.98 9.97 0.85
C PRO D 235 11.32 9.98 1.57
N ASP D 236 12.38 9.38 1.01
CA ASP D 236 13.70 9.32 1.62
C ASP D 236 14.59 10.49 1.23
N GLY D 237 13.99 11.62 0.87
CA GLY D 237 14.75 12.79 0.48
C GLY D 237 15.61 12.58 -0.75
N ARG D 238 15.31 11.55 -1.56
CA ARG D 238 15.99 11.21 -2.81
C ARG D 238 15.22 11.72 -4.01
N PRO D 239 15.89 11.90 -5.15
CA PRO D 239 15.22 12.44 -6.34
C PRO D 239 14.65 11.35 -7.26
N LEU D 240 13.58 11.73 -7.97
CA LEU D 240 12.98 10.95 -9.06
C LEU D 240 12.69 11.89 -10.22
N LEU D 241 13.38 11.72 -11.34
CA LEU D 241 13.26 12.65 -12.47
C LEU D 241 12.14 12.22 -13.41
N VAL D 242 11.10 13.06 -13.50
CA VAL D 242 9.98 12.80 -14.39
C VAL D 242 9.76 14.02 -15.29
N ALA D 243 9.55 13.76 -16.58
CA ALA D 243 9.12 14.76 -17.53
C ALA D 243 8.05 14.14 -18.42
N VAL D 244 6.98 14.88 -18.71
CA VAL D 244 5.95 14.39 -19.62
C VAL D 244 5.57 15.53 -20.55
N PHE D 245 5.69 15.31 -21.85
CA PHE D 245 5.46 16.33 -22.86
C PHE D 245 4.40 15.82 -23.83
N VAL D 246 3.22 16.43 -23.80
CA VAL D 246 2.11 16.02 -24.65
C VAL D 246 2.07 16.91 -25.87
N LYS D 247 2.39 16.34 -27.03
CA LYS D 247 2.56 17.07 -28.28
C LYS D 247 1.36 16.86 -29.20
N ASP D 248 0.89 17.95 -29.82
CA ASP D 248 -0.21 17.91 -30.79
C ASP D 248 -1.37 17.06 -30.30
N SER D 249 -2.02 17.60 -29.28
CA SER D 249 -3.13 16.93 -28.62
C SER D 249 -4.43 17.49 -29.18
N ALA D 250 -5.32 16.58 -29.58
CA ALA D 250 -6.70 16.94 -29.88
C ALA D 250 -7.59 16.65 -28.69
N GLU D 251 -7.03 16.62 -27.50
CA GLU D 251 -7.81 16.33 -26.30
C GLU D 251 -8.08 17.59 -25.49
N SER D 252 -8.96 17.45 -24.52
CA SER D 252 -9.27 18.57 -23.64
C SER D 252 -8.07 18.86 -22.75
N GLU D 253 -8.11 20.00 -22.06
CA GLU D 253 -7.05 20.30 -21.10
C GLU D 253 -7.09 19.35 -19.90
N ARG D 254 -8.27 18.94 -19.46
CA ARG D 254 -8.33 18.01 -18.35
C ARG D 254 -7.52 16.76 -18.66
N THR D 255 -7.72 16.23 -19.86
CA THR D 255 -7.10 14.99 -20.30
C THR D 255 -5.58 15.08 -20.33
N ASN D 256 -5.06 16.16 -20.93
CA ASN D 256 -3.62 16.32 -21.05
C ASN D 256 -2.96 16.42 -19.68
N GLU D 257 -3.53 17.23 -18.79
CA GLU D 257 -2.97 17.32 -17.45
C GLU D 257 -3.15 15.99 -16.71
N ALA D 258 -4.18 15.22 -17.07
CA ALA D 258 -4.36 13.89 -16.48
C ALA D 258 -3.34 12.91 -17.03
N ILE D 259 -3.06 12.98 -18.33
CA ILE D 259 -2.03 12.14 -18.91
C ILE D 259 -0.71 12.36 -18.19
N ILE D 260 -0.32 13.63 -18.02
CA ILE D 260 0.93 13.93 -17.33
C ILE D 260 0.88 13.42 -15.90
N ALA D 261 -0.19 13.74 -15.18
CA ALA D 261 -0.28 13.35 -13.77
C ALA D 261 -0.27 11.84 -13.61
N GLN D 262 -1.12 11.13 -14.37
CA GLN D 262 -1.17 9.68 -14.25
C GLN D 262 0.19 9.04 -14.49
N VAL D 263 0.94 9.57 -15.46
CA VAL D 263 2.27 9.03 -15.71
C VAL D 263 3.15 9.26 -14.51
N ALA D 264 3.13 10.47 -13.97
CA ALA D 264 3.95 10.78 -12.79
C ALA D 264 3.62 9.89 -11.60
N GLN D 265 2.31 9.70 -11.35
CA GLN D 265 1.86 8.86 -10.24
C GLN D 265 2.20 7.39 -10.47
N ALA D 266 2.28 6.93 -11.73
CA ALA D 266 2.65 5.56 -12.02
C ALA D 266 4.13 5.28 -11.66
N ALA D 267 5.02 6.21 -12.01
CA ALA D 267 6.43 6.08 -11.62
C ALA D 267 6.60 6.19 -10.11
N TYR D 268 5.99 7.22 -9.50
CA TYR D 268 6.12 7.46 -8.06
C TYR D 268 5.82 6.20 -7.26
N GLN D 269 4.75 5.48 -7.61
CA GLN D 269 4.41 4.23 -6.92
C GLN D 269 5.45 3.15 -7.17
N PHE D 270 5.88 2.97 -8.42
CA PHE D 270 6.89 1.98 -8.74
C PHE D 270 8.01 2.04 -7.72
N GLU D 271 8.53 3.26 -7.49
CA GLU D 271 9.59 3.43 -6.51
C GLU D 271 9.21 2.88 -5.15
N LEU D 272 7.94 2.94 -4.79
CA LEU D 272 7.53 2.51 -3.45
C LEU D 272 7.63 0.99 -3.31
N LYS D 273 7.64 0.26 -4.43
CA LYS D 273 7.97 -1.16 -4.44
C LYS D 273 9.31 -1.47 -5.13
N LYS D 274 10.10 -0.45 -5.48
CA LYS D 274 11.33 -0.66 -6.28
C LYS D 274 12.43 -1.41 -5.54
#